data_8VY7
#
_entry.id   8VY7
#
_cell.length_a   1.00
_cell.length_b   1.00
_cell.length_c   1.00
_cell.angle_alpha   90.00
_cell.angle_beta   90.00
_cell.angle_gamma   90.00
#
_symmetry.space_group_name_H-M   'P 1'
#
loop_
_entity.id
_entity.type
_entity.pdbx_description
1 polymer 'Guanine nucleotide-binding protein G(i) subunit alpha-1'
2 polymer 'Guanine nucleotide-binding protein G(I)/G(S)/G(T) subunit beta-1'
3 polymer 'Guanine nucleotide-binding protein G(I)/G(S)/G(O) subunit gamma-2'
4 polymer scFv16
5 polymer 'Taste receptor type 2 member 14'
6 non-polymer 4-methyl-N-[(2M)-2-(1H-tetrazol-5-yl)phenyl]-6-(trifluoromethyl)pyrimidin-2-amine
7 non-polymer CHOLESTEROL
#
loop_
_entity_poly.entity_id
_entity_poly.type
_entity_poly.pdbx_seq_one_letter_code
_entity_poly.pdbx_strand_id
1 'polypeptide(L)'
;MGCTLSAEDKAAVERSKMIDRNLREDGEKAAREVKLLLLGAGESGKNTIVKQMKIIHEAGYSEEECKQYKAVVYSNTIQS
IIAIIRAMGRLKIDFGDSARADDARQLFVLAGAAEEGFMTAELAGVIKRLWKDSGVQACFNRSREYQLNDSAAYYLNDLD
RIAQPNYIPTQQDVLRTRVKTTGIVETHFTFKDLHFKMFDVGAQRSERKKWIHCFEGVTAIIFCVALSDYDLVLAEDEEM
NRMHASMKLFDSICNNKWFTDTSIILFLNKKDLFEEKIKKSPLTICYPEYAGSNTYEEAAAYIQCQFEDLNKRKDTKEIY
THFTCSTDTKNVQFVFDAVTDVIIKNNLKDCGLF
;
A
2 'polypeptide(L)'
;HHHHHHLEVLFQGPGSSGSELDQLRQEAEQLKNQIRDARKACADATLSQITNNIDPVGRIQMRTRRTLRGHLAKIYAMHW
GTDSRLLVSASQDGKLIIWDSYTTNKVHAIPLRSSWVMTCAYAPSGNYVACGGLDNICSIYNLKTREGNVRVSRELAGHT
GYLSCCRFLDDNQIVTSSGDTTCALWDIETGQQTTTFTGHTGDVMSLSLAPDTRLFVSGACDASAKLWDVREGMCRQTFT
GHESDINAICFFPNGNAFATGSDDATCRLFDLRADQELMTYSHDNIICGITSVSFSKSGRLLLAGYDDFNCNVWDALKAD
RAGVLAGHDNRVSCLGVTDDGMAVATGSWDSFLKIWNGGSGGGGSGGSSSGGGGSGGGGSGGSSSGGVSGWRLFKKISGG
S
;
B
3 'polypeptide(L)' MASNNTASIAQARKLVEQLKMEANIDRIKVSKAAADLMAYCEAHAKEDPLLTPVPASENPFREKKFFCAIL C
4 'polypeptide(L)'
;DVQLVESGGGLVQPGGSRKLSCSASGFAFSSFGMHWVRQAPEKGLEWVAYISSGSGTIYYADTVKGRFTISRDDPKNTLF
LQMTSLRSEDTAMYYCVRSIYYYGSSPFDFWGQGTTLTVSSGGGGSGGGGSGGGGSDIVMTQATSSVPVTPGESVSISCR
SSKSLLHSNGNTYLYWFLQRPGQSPQLLIYRMSNLASGVPDRFSGSGSGTAFTLTISRLEAEDVGVYYCMQHLEYPLTFG
AGTKLELKAAALEVLFQGPHHHHHHHH
;
D
5 'polypeptide(L)'
;DYKDDDDAKLQTMHHHHHHHHHHENLYFQGGTTMADLEDNWETLNDNLKVIEKADNAAQVKDALTKMRAAALDAQKATPP
KLEDKSPDSPEMKDFRHGFDILVGQIDDALKLANEGKVKEAQAAAEQLKTTRNAYIQKYLGSTLEVLFQGPMGGVIKSIF
TFVLIVEFIIGNLGNSFIALVNCIDWVKGRKISSVDRILTALAISRISLVWLIFGSWCVSVFFPALFATEKMFRMLTNIW
TVINHFSVWLATGLGTFYFLKIANFSNSIFLYLKWRVKKVVLVLLLVTSVFLFLNIALINIHINASINGYRRNKTCSSDS
SNFTRFSSLIVLTSTVFIFIPFTLSLAMFLLLIFSMWKHRKKMQHTVKISGDASTRAHRGVKSVITFFLLYAIFSLSFFI
SVWTSERLEENLIILSQVMGMAYPSCHSCVLILGNKKLRQASLSVLLWLRYMFGSAGSAGSGGSGGGSGGGGSGGSSSGG
VFTLEDFVGDWEQTAAYNLDQVLEQGGVSSLLQNLAVSVTPIQRIVRSGENALKIDIHVIIPYEGLSADQMAQIEEVFKV
VYPVDDHHFKVILPYGTLVIDGVTPNMLNYFGRPYEGIAVFDGKKITVTGTLWNGNKIIDERLITPDGSMLFRVTIN
;
R
#
loop_
_chem_comp.id
_chem_comp.type
_chem_comp.name
_chem_comp.formula
A1AEI non-polymer 4-methyl-N-[(2M)-2-(1H-tetrazol-5-yl)phenyl]-6-(trifluoromethyl)pyrimidin-2-amine 'C13 H10 F3 N7'
CLR non-polymer CHOLESTEROL 'C27 H46 O'
#
# COMPACT_ATOMS: atom_id res chain seq x y z
N LEU A 5 25.99 1.91 9.20
CA LEU A 5 25.41 2.92 8.32
C LEU A 5 26.29 4.15 8.23
N SER A 6 26.46 4.67 7.02
CA SER A 6 27.19 5.90 6.81
C SER A 6 26.31 7.12 7.13
N ALA A 7 26.87 8.31 6.93
CA ALA A 7 26.08 9.52 7.13
C ALA A 7 24.99 9.66 6.08
N GLU A 8 25.33 9.39 4.82
CA GLU A 8 24.36 9.44 3.74
C GLU A 8 23.30 8.35 3.87
N ASP A 9 23.68 7.18 4.37
CA ASP A 9 22.71 6.13 4.62
C ASP A 9 21.72 6.52 5.72
N LYS A 10 22.22 7.16 6.78
CA LYS A 10 21.35 7.64 7.84
C LYS A 10 20.40 8.72 7.34
N ALA A 11 20.90 9.61 6.49
CA ALA A 11 20.04 10.65 5.93
C ALA A 11 19.00 10.08 4.96
N ALA A 12 19.36 9.02 4.23
CA ALA A 12 18.39 8.32 3.40
C ALA A 12 17.32 7.63 4.25
N VAL A 13 17.72 7.08 5.40
CA VAL A 13 16.76 6.48 6.32
C VAL A 13 15.80 7.55 6.85
N GLU A 14 16.31 8.74 7.16
CA GLU A 14 15.45 9.83 7.61
C GLU A 14 14.50 10.29 6.52
N ARG A 15 14.98 10.32 5.26
CA ARG A 15 14.11 10.66 4.13
C ARG A 15 12.99 9.63 3.97
N SER A 16 13.33 8.35 4.12
CA SER A 16 12.31 7.30 4.04
C SER A 16 11.31 7.41 5.19
N LYS A 17 11.77 7.82 6.37
CA LYS A 17 10.85 8.02 7.50
C LYS A 17 9.90 9.18 7.23
N MET A 18 10.40 10.27 6.65
CA MET A 18 9.53 11.39 6.27
C MET A 18 8.51 10.98 5.21
N ILE A 19 8.94 10.17 4.24
CA ILE A 19 8.05 9.66 3.21
C ILE A 19 6.97 8.78 3.83
N ASP A 20 7.36 7.93 4.79
CA ASP A 20 6.41 7.08 5.50
C ASP A 20 5.38 7.89 6.28
N ARG A 21 5.84 8.97 6.93
CA ARG A 21 4.93 9.84 7.67
C ARG A 21 3.92 10.51 6.74
N ASN A 22 4.39 11.00 5.59
CA ASN A 22 3.48 11.62 4.63
C ASN A 22 2.49 10.60 4.06
N LEU A 23 2.95 9.37 3.79
CA LEU A 23 2.07 8.32 3.30
C LEU A 23 1.00 7.97 4.33
N ARG A 24 1.39 7.90 5.61
CA ARG A 24 0.42 7.59 6.67
C ARG A 24 -0.62 8.69 6.82
N GLU A 25 -0.19 9.96 6.75
CA GLU A 25 -1.14 11.06 6.85
C GLU A 25 -2.10 11.09 5.68
N ASP A 26 -1.58 10.87 4.46
CA ASP A 26 -2.45 10.82 3.28
C ASP A 26 -3.40 9.63 3.34
N GLY A 27 -2.94 8.50 3.88
CA GLY A 27 -3.79 7.34 4.00
C GLY A 27 -4.91 7.52 4.99
N GLU A 28 -4.63 8.18 6.12
CA GLU A 28 -5.69 8.48 7.08
C GLU A 28 -6.70 9.46 6.49
N LYS A 29 -6.22 10.48 5.77
CA LYS A 29 -7.13 11.44 5.13
C LYS A 29 -8.00 10.76 4.07
N ALA A 30 -7.42 9.83 3.31
CA ALA A 30 -8.20 9.10 2.31
C ALA A 30 -9.16 8.12 2.96
N ALA A 31 -8.79 7.54 4.10
CA ALA A 31 -9.69 6.62 4.79
C ALA A 31 -10.87 7.34 5.42
N ARG A 32 -10.72 8.63 5.74
CA ARG A 32 -11.88 9.38 6.20
C ARG A 32 -12.77 9.88 5.08
N GLU A 33 -12.51 9.50 3.83
CA GLU A 33 -13.27 9.94 2.67
C GLU A 33 -14.27 8.88 2.23
N VAL A 34 -15.24 9.31 1.44
CA VAL A 34 -16.32 8.45 0.95
C VAL A 34 -16.17 8.30 -0.55
N LYS A 35 -16.11 7.06 -1.02
CA LYS A 35 -15.96 6.75 -2.43
C LYS A 35 -17.26 6.14 -2.96
N LEU A 36 -17.75 6.66 -4.07
CA LEU A 36 -18.98 6.18 -4.69
C LEU A 36 -18.72 5.86 -6.15
N LEU A 37 -19.24 4.73 -6.61
CA LEU A 37 -19.18 4.32 -8.01
C LEU A 37 -20.56 4.50 -8.62
N LEU A 38 -20.64 5.33 -9.66
CA LEU A 38 -21.90 5.67 -10.29
C LEU A 38 -22.08 4.81 -11.54
N LEU A 39 -23.20 4.10 -11.62
CA LEU A 39 -23.48 3.19 -12.71
C LEU A 39 -24.89 3.40 -13.21
N GLY A 40 -25.11 3.06 -14.48
CA GLY A 40 -26.42 3.20 -15.08
C GLY A 40 -26.36 2.88 -16.56
N ALA A 41 -27.50 3.09 -17.21
CA ALA A 41 -27.60 2.88 -18.64
C ALA A 41 -27.28 4.17 -19.39
N GLY A 42 -27.17 4.06 -20.72
CA GLY A 42 -26.87 5.23 -21.54
C GLY A 42 -27.99 6.25 -21.55
N GLU A 43 -29.23 5.78 -21.66
CA GLU A 43 -30.39 6.66 -21.69
C GLU A 43 -31.07 6.79 -20.33
N SER A 44 -30.50 6.18 -19.28
CA SER A 44 -31.09 6.30 -17.95
C SER A 44 -30.96 7.72 -17.41
N GLY A 45 -29.82 8.36 -17.65
CA GLY A 45 -29.64 9.74 -17.23
C GLY A 45 -28.84 9.86 -15.96
N LYS A 46 -27.55 10.18 -16.10
CA LYS A 46 -26.67 10.39 -14.96
C LYS A 46 -26.10 11.79 -14.89
N ASN A 47 -26.12 12.55 -15.99
CA ASN A 47 -25.56 13.89 -15.98
C ASN A 47 -26.39 14.84 -15.13
N THR A 48 -27.71 14.62 -15.04
CA THR A 48 -28.53 15.44 -14.16
C THR A 48 -28.23 15.15 -12.69
N ILE A 49 -27.84 13.92 -12.37
CA ILE A 49 -27.47 13.58 -11.00
C ILE A 49 -26.16 14.28 -10.61
N VAL A 50 -25.18 14.25 -11.50
CA VAL A 50 -23.90 14.93 -11.24
C VAL A 50 -24.11 16.45 -11.20
N LYS A 51 -25.01 16.97 -12.02
CA LYS A 51 -25.31 18.39 -11.99
C LYS A 51 -26.01 18.79 -10.68
N GLN A 52 -26.88 17.93 -10.17
CA GLN A 52 -27.55 18.22 -8.91
C GLN A 52 -26.59 18.10 -7.73
N MET A 53 -25.67 17.16 -7.78
CA MET A 53 -24.77 16.89 -6.67
C MET A 53 -23.47 17.69 -6.74
N LYS A 54 -23.33 18.59 -7.72
CA LYS A 54 -22.17 19.46 -7.79
C LYS A 54 -22.58 20.89 -8.10
N THR A 182 -12.91 10.87 -22.69
CA THR A 182 -12.82 9.46 -22.37
C THR A 182 -12.36 9.24 -20.94
N GLY A 183 -11.97 8.01 -20.63
CA GLY A 183 -11.54 7.69 -19.28
C GLY A 183 -12.72 7.60 -18.34
N ILE A 184 -12.43 7.73 -17.05
CA ILE A 184 -13.47 7.82 -16.05
C ILE A 184 -13.40 9.20 -15.41
N VAL A 185 -14.54 9.64 -14.90
CA VAL A 185 -14.71 11.00 -14.39
C VAL A 185 -14.85 10.94 -12.87
N GLU A 186 -14.05 11.74 -12.18
CA GLU A 186 -14.11 11.85 -10.73
C GLU A 186 -14.73 13.19 -10.37
N THR A 187 -15.78 13.15 -9.54
CA THR A 187 -16.49 14.35 -9.09
C THR A 187 -16.35 14.44 -7.58
N HIS A 188 -15.83 15.56 -7.09
CA HIS A 188 -15.60 15.79 -5.69
C HIS A 188 -16.58 16.85 -5.18
N PHE A 189 -17.24 16.56 -4.06
CA PHE A 189 -18.12 17.52 -3.43
C PHE A 189 -18.19 17.22 -1.94
N THR A 190 -18.39 18.27 -1.15
CA THR A 190 -18.43 18.18 0.30
C THR A 190 -19.82 18.53 0.80
N PHE A 191 -20.40 17.64 1.60
CA PHE A 191 -21.75 17.83 2.14
C PHE A 191 -21.74 17.44 3.61
N LYS A 192 -21.83 18.45 4.48
CA LYS A 192 -21.94 18.30 5.94
C LYS A 192 -20.75 17.54 6.51
N ASP A 193 -19.56 18.12 6.29
CA ASP A 193 -18.28 17.63 6.80
C ASP A 193 -17.95 16.21 6.32
N LEU A 194 -18.42 15.84 5.14
CA LEU A 194 -18.05 14.60 4.50
C LEU A 194 -17.54 14.89 3.10
N HIS A 195 -16.37 14.36 2.77
CA HIS A 195 -15.81 14.51 1.43
C HIS A 195 -16.22 13.31 0.59
N PHE A 196 -16.94 13.58 -0.49
CA PHE A 196 -17.43 12.54 -1.38
C PHE A 196 -16.56 12.45 -2.62
N LYS A 197 -16.38 11.24 -3.13
CA LYS A 197 -15.68 10.99 -4.38
C LYS A 197 -16.57 10.12 -5.24
N MET A 198 -17.11 10.69 -6.31
CA MET A 198 -18.02 9.99 -7.21
C MET A 198 -17.28 9.63 -8.49
N PHE A 199 -17.29 8.35 -8.84
CA PHE A 199 -16.60 7.85 -10.02
C PHE A 199 -17.61 7.40 -11.05
N ASP A 200 -17.48 7.90 -12.27
CA ASP A 200 -18.37 7.57 -13.37
C ASP A 200 -17.61 6.74 -14.40
N VAL A 201 -18.03 5.49 -14.58
CA VAL A 201 -17.36 4.57 -15.47
C VAL A 201 -18.21 4.29 -16.71
N GLY A 202 -19.16 5.17 -17.02
CA GLY A 202 -20.05 4.94 -18.15
C GLY A 202 -19.37 5.13 -19.50
N ALA A 203 -18.26 5.86 -19.54
CA ALA A 203 -17.52 6.06 -20.78
C ALA A 203 -16.58 4.91 -21.10
N GLN A 204 -16.42 3.96 -20.19
CA GLN A 204 -15.51 2.83 -20.39
C GLN A 204 -16.21 1.79 -21.26
N ARG A 205 -15.94 1.83 -22.56
CA ARG A 205 -16.54 0.87 -23.50
C ARG A 205 -15.61 -0.31 -23.73
N SER A 206 -15.27 -0.98 -22.65
CA SER A 206 -14.42 -2.16 -22.66
C SER A 206 -15.08 -3.26 -21.85
N GLU A 207 -14.41 -4.41 -21.77
CA GLU A 207 -14.91 -5.53 -20.98
C GLU A 207 -14.76 -5.20 -19.51
N ARG A 208 -15.89 -5.02 -18.83
CA ARG A 208 -15.87 -4.54 -17.45
C ARG A 208 -15.41 -5.60 -16.46
N LYS A 209 -15.33 -6.86 -16.87
CA LYS A 209 -14.83 -7.91 -15.99
C LYS A 209 -13.35 -7.78 -15.67
N LYS A 210 -12.62 -6.97 -16.44
CA LYS A 210 -11.18 -6.82 -16.26
C LYS A 210 -10.80 -5.60 -15.43
N TRP A 211 -11.76 -4.78 -15.01
CA TRP A 211 -11.46 -3.64 -14.16
C TRP A 211 -12.48 -3.42 -13.06
N ILE A 212 -13.47 -4.30 -12.89
CA ILE A 212 -14.47 -4.10 -11.85
C ILE A 212 -13.93 -4.43 -10.47
N HIS A 213 -12.84 -5.20 -10.39
CA HIS A 213 -12.21 -5.48 -9.11
C HIS A 213 -11.41 -4.30 -8.59
N CYS A 214 -11.18 -3.28 -9.40
CA CYS A 214 -10.53 -2.06 -8.95
C CYS A 214 -11.41 -1.28 -7.98
N PHE A 215 -12.72 -1.50 -8.02
CA PHE A 215 -13.67 -0.86 -7.13
C PHE A 215 -14.19 -1.81 -6.05
N GLU A 216 -13.40 -2.82 -5.68
CA GLU A 216 -13.83 -3.74 -4.63
C GLU A 216 -13.95 -3.02 -3.29
N GLY A 217 -12.99 -2.17 -2.96
CA GLY A 217 -13.13 -1.33 -1.79
C GLY A 217 -13.81 -0.03 -2.15
N VAL A 218 -15.12 0.04 -1.93
CA VAL A 218 -15.89 1.24 -2.22
C VAL A 218 -17.01 1.29 -1.21
N THR A 219 -17.44 2.50 -0.85
CA THR A 219 -18.46 2.63 0.19
C THR A 219 -19.83 2.19 -0.33
N ALA A 220 -20.19 2.62 -1.54
CA ALA A 220 -21.48 2.27 -2.11
C ALA A 220 -21.42 2.39 -3.62
N ILE A 221 -22.42 1.81 -4.27
CA ILE A 221 -22.64 1.94 -5.71
C ILE A 221 -23.96 2.66 -5.91
N ILE A 222 -23.96 3.71 -6.73
CA ILE A 222 -25.18 4.42 -7.08
C ILE A 222 -25.63 3.93 -8.44
N PHE A 223 -26.77 3.25 -8.48
CA PHE A 223 -27.35 2.72 -9.71
C PHE A 223 -28.53 3.60 -10.07
N CYS A 224 -28.41 4.32 -11.18
CA CYS A 224 -29.45 5.22 -11.65
C CYS A 224 -30.26 4.52 -12.73
N VAL A 225 -31.56 4.41 -12.51
CA VAL A 225 -32.48 3.77 -13.45
C VAL A 225 -33.59 4.76 -13.74
N ALA A 226 -33.76 5.11 -15.02
CA ALA A 226 -34.95 5.83 -15.43
C ALA A 226 -36.09 4.85 -15.52
N LEU A 227 -37.23 5.20 -14.92
CA LEU A 227 -38.42 4.37 -15.06
C LEU A 227 -39.39 4.94 -16.07
N SER A 228 -38.94 5.90 -16.87
CA SER A 228 -39.72 6.47 -17.95
C SER A 228 -39.49 5.77 -19.28
N ASP A 229 -38.66 4.73 -19.32
CA ASP A 229 -38.37 4.02 -20.56
C ASP A 229 -38.72 2.54 -20.46
N TYR A 230 -39.81 2.24 -19.75
CA TYR A 230 -40.34 0.87 -19.79
C TYR A 230 -40.97 0.56 -21.13
N ASP A 231 -41.57 1.56 -21.78
CA ASP A 231 -42.18 1.39 -23.10
C ASP A 231 -41.18 1.52 -24.23
N LEU A 232 -39.97 2.01 -23.97
CA LEU A 232 -38.98 2.21 -25.02
C LEU A 232 -38.21 0.93 -25.30
N VAL A 233 -37.35 0.98 -26.32
CA VAL A 233 -36.48 -0.13 -26.69
C VAL A 233 -35.12 0.47 -27.00
N LEU A 234 -34.09 -0.37 -26.97
CA LEU A 234 -32.72 0.08 -27.18
C LEU A 234 -32.52 0.60 -28.59
N ALA A 235 -31.68 1.63 -28.73
CA ALA A 235 -31.34 2.16 -30.04
C ALA A 235 -30.42 1.24 -30.82
N GLU A 236 -29.71 0.34 -30.14
CA GLU A 236 -28.84 -0.59 -30.84
C GLU A 236 -29.65 -1.68 -31.54
N ASP A 237 -30.42 -2.45 -30.77
CA ASP A 237 -31.21 -3.53 -31.33
C ASP A 237 -32.39 -3.80 -30.39
N GLU A 238 -33.39 -4.49 -30.92
CA GLU A 238 -34.70 -4.64 -30.30
C GLU A 238 -34.77 -5.85 -29.36
N GLU A 239 -33.66 -6.59 -29.19
CA GLU A 239 -33.72 -7.89 -28.52
C GLU A 239 -34.02 -7.81 -27.03
N MET A 240 -33.94 -6.62 -26.41
CA MET A 240 -34.41 -6.45 -25.04
C MET A 240 -34.95 -5.04 -24.87
N ASN A 241 -35.80 -4.89 -23.86
CA ASN A 241 -36.31 -3.60 -23.43
C ASN A 241 -35.23 -2.84 -22.67
N ARG A 242 -35.44 -1.53 -22.52
CA ARG A 242 -34.50 -0.70 -21.75
C ARG A 242 -34.52 -1.08 -20.28
N MET A 243 -35.71 -1.27 -19.72
CA MET A 243 -35.82 -1.68 -18.32
C MET A 243 -35.28 -3.07 -18.11
N HIS A 244 -35.43 -3.96 -19.09
CA HIS A 244 -34.84 -5.29 -18.98
C HIS A 244 -33.33 -5.25 -19.05
N ALA A 245 -32.77 -4.33 -19.86
CA ALA A 245 -31.33 -4.14 -19.89
C ALA A 245 -30.81 -3.60 -18.56
N SER A 246 -31.56 -2.65 -17.96
CA SER A 246 -31.18 -2.14 -16.66
C SER A 246 -31.27 -3.21 -15.59
N MET A 247 -32.28 -4.09 -15.67
CA MET A 247 -32.41 -5.19 -14.74
C MET A 247 -31.27 -6.19 -14.89
N LYS A 248 -30.86 -6.46 -16.12
CA LYS A 248 -29.72 -7.37 -16.36
C LYS A 248 -28.43 -6.78 -15.81
N LEU A 249 -28.21 -5.48 -16.02
CA LEU A 249 -27.02 -4.83 -15.48
C LEU A 249 -27.04 -4.81 -13.95
N PHE A 250 -28.22 -4.60 -13.36
CA PHE A 250 -28.36 -4.64 -11.90
C PHE A 250 -28.10 -6.04 -11.36
N ASP A 251 -28.58 -7.06 -12.05
CA ASP A 251 -28.32 -8.44 -11.63
C ASP A 251 -26.85 -8.80 -11.76
N SER A 252 -26.16 -8.26 -12.77
CA SER A 252 -24.74 -8.52 -12.92
C SER A 252 -23.93 -7.81 -11.84
N ILE A 253 -24.26 -6.55 -11.54
CA ILE A 253 -23.47 -5.78 -10.58
C ILE A 253 -23.74 -6.23 -9.15
N CYS A 254 -25.02 -6.42 -8.81
CA CYS A 254 -25.39 -6.73 -7.43
C CYS A 254 -24.88 -8.09 -6.99
N ASN A 255 -24.89 -9.07 -7.89
CA ASN A 255 -24.48 -10.43 -7.56
C ASN A 255 -23.04 -10.73 -7.99
N ASN A 256 -22.24 -9.69 -8.19
CA ASN A 256 -20.83 -9.88 -8.54
C ASN A 256 -20.05 -10.37 -7.32
N LYS A 257 -18.92 -11.03 -7.60
CA LYS A 257 -18.10 -11.59 -6.54
C LYS A 257 -17.33 -10.52 -5.78
N TRP A 258 -17.16 -9.34 -6.36
CA TRP A 258 -16.42 -8.26 -5.72
C TRP A 258 -17.30 -7.32 -4.92
N PHE A 259 -18.62 -7.51 -4.96
CA PHE A 259 -19.59 -6.62 -4.33
C PHE A 259 -20.55 -7.42 -3.47
N THR A 260 -20.01 -8.34 -2.67
CA THR A 260 -20.87 -9.11 -1.78
C THR A 260 -21.40 -8.25 -0.64
N ASP A 261 -20.55 -7.41 -0.05
CA ASP A 261 -20.94 -6.58 1.08
C ASP A 261 -20.94 -5.09 0.72
N THR A 262 -21.18 -4.75 -0.53
CA THR A 262 -21.24 -3.37 -0.98
C THR A 262 -22.68 -2.97 -1.24
N SER A 263 -23.17 -1.99 -0.49
CA SER A 263 -24.55 -1.56 -0.61
C SER A 263 -24.77 -0.78 -1.90
N ILE A 264 -26.02 -0.76 -2.35
CA ILE A 264 -26.41 -0.11 -3.60
C ILE A 264 -27.46 0.94 -3.28
N ILE A 265 -27.22 2.16 -3.75
CA ILE A 265 -28.20 3.23 -3.69
C ILE A 265 -28.89 3.32 -5.05
N LEU A 266 -30.20 3.12 -5.08
CA LEU A 266 -30.96 3.06 -6.31
C LEU A 266 -31.75 4.34 -6.49
N PHE A 267 -31.53 5.03 -7.61
CA PHE A 267 -32.31 6.20 -7.99
C PHE A 267 -33.27 5.84 -9.10
N LEU A 268 -34.53 6.22 -8.93
CA LEU A 268 -35.56 6.05 -9.94
C LEU A 268 -35.82 7.44 -10.53
N ASN A 269 -35.11 7.76 -11.60
CA ASN A 269 -35.16 9.08 -12.20
C ASN A 269 -36.33 9.20 -13.16
N LYS A 270 -36.70 10.45 -13.45
CA LYS A 270 -37.77 10.83 -14.38
C LYS A 270 -39.12 10.27 -13.95
N LYS A 271 -39.53 10.62 -12.73
CA LYS A 271 -40.85 10.23 -12.25
C LYS A 271 -41.96 11.08 -12.84
N ASP A 272 -41.64 12.28 -13.33
CA ASP A 272 -42.66 13.11 -13.97
C ASP A 272 -43.08 12.55 -15.31
N LEU A 273 -42.10 12.14 -16.13
CA LEU A 273 -42.41 11.48 -17.40
C LEU A 273 -43.09 10.14 -17.18
N PHE A 274 -42.71 9.43 -16.11
CA PHE A 274 -43.37 8.18 -15.77
C PHE A 274 -44.82 8.40 -15.38
N GLU A 275 -45.10 9.49 -14.65
CA GLU A 275 -46.48 9.81 -14.30
C GLU A 275 -47.28 10.22 -15.53
N GLU A 276 -46.65 10.97 -16.44
CA GLU A 276 -47.34 11.42 -17.65
C GLU A 276 -47.47 10.36 -18.72
N LYS A 277 -46.74 9.25 -18.60
CA LYS A 277 -46.79 8.19 -19.60
C LYS A 277 -47.54 6.94 -19.14
N ILE A 278 -47.76 6.77 -17.84
CA ILE A 278 -48.51 5.61 -17.36
C ILE A 278 -50.00 5.73 -17.63
N LYS A 279 -50.49 6.93 -17.94
CA LYS A 279 -51.91 7.08 -18.27
C LYS A 279 -52.23 6.49 -19.63
N LYS A 280 -51.38 6.73 -20.62
CA LYS A 280 -51.61 6.19 -21.95
C LYS A 280 -51.11 4.76 -22.08
N SER A 281 -49.80 4.56 -21.89
CA SER A 281 -49.20 3.24 -22.08
C SER A 281 -49.16 2.48 -20.76
N PRO A 282 -49.73 1.28 -20.70
CA PRO A 282 -49.68 0.51 -19.45
C PRO A 282 -48.33 -0.14 -19.25
N LEU A 283 -48.14 -0.65 -18.02
CA LEU A 283 -46.89 -1.33 -17.65
C LEU A 283 -46.86 -2.78 -18.13
N THR A 284 -47.97 -3.27 -18.70
CA THR A 284 -48.03 -4.62 -19.26
C THR A 284 -47.04 -4.80 -20.42
N ILE A 285 -46.66 -3.71 -21.09
CA ILE A 285 -45.70 -3.77 -22.19
C ILE A 285 -44.33 -4.23 -21.68
N CYS A 286 -43.89 -3.70 -20.54
CA CYS A 286 -42.59 -4.10 -19.99
C CYS A 286 -42.71 -5.40 -19.21
N TYR A 287 -43.50 -5.41 -18.15
CA TYR A 287 -43.73 -6.61 -17.36
C TYR A 287 -45.09 -7.17 -17.72
N PRO A 288 -45.18 -8.30 -18.43
CA PRO A 288 -46.50 -8.81 -18.84
C PRO A 288 -47.28 -9.45 -17.71
N GLU A 289 -46.64 -9.80 -16.61
CA GLU A 289 -47.30 -10.47 -15.48
C GLU A 289 -47.62 -9.50 -14.36
N TYR A 290 -47.99 -8.27 -14.70
CA TYR A 290 -48.22 -7.25 -13.67
C TYR A 290 -49.53 -7.49 -12.93
N ALA A 291 -50.65 -7.39 -13.64
CA ALA A 291 -52.01 -7.60 -13.13
C ALA A 291 -52.29 -6.76 -11.89
N GLY A 292 -52.22 -5.44 -12.08
CA GLY A 292 -52.42 -4.51 -10.99
C GLY A 292 -53.01 -3.20 -11.48
N SER A 293 -53.23 -2.29 -10.55
CA SER A 293 -53.80 -0.99 -10.90
C SER A 293 -52.79 -0.16 -11.67
N ASN A 294 -53.28 0.52 -12.70
CA ASN A 294 -52.42 1.34 -13.56
C ASN A 294 -52.33 2.78 -13.06
N THR A 295 -52.00 2.96 -11.79
CA THR A 295 -51.74 4.26 -11.21
C THR A 295 -50.23 4.47 -11.09
N TYR A 296 -49.84 5.65 -10.60
CA TYR A 296 -48.43 5.95 -10.47
C TYR A 296 -47.79 5.17 -9.32
N GLU A 297 -48.46 5.13 -8.17
CA GLU A 297 -47.85 4.60 -6.95
C GLU A 297 -47.67 3.09 -7.02
N GLU A 298 -48.70 2.37 -7.47
CA GLU A 298 -48.60 0.91 -7.56
C GLU A 298 -47.59 0.47 -8.60
N ALA A 299 -47.54 1.17 -9.74
CA ALA A 299 -46.57 0.84 -10.78
C ALA A 299 -45.14 1.13 -10.33
N ALA A 300 -44.95 2.26 -9.64
CA ALA A 300 -43.63 2.59 -9.12
C ALA A 300 -43.18 1.59 -8.06
N ALA A 301 -44.09 1.17 -7.18
CA ALA A 301 -43.77 0.18 -6.17
C ALA A 301 -43.46 -1.18 -6.80
N TYR A 302 -44.17 -1.53 -7.87
CA TYR A 302 -43.90 -2.79 -8.56
C TYR A 302 -42.54 -2.76 -9.24
N ILE A 303 -42.16 -1.62 -9.82
CA ILE A 303 -40.84 -1.50 -10.45
C ILE A 303 -39.75 -1.59 -9.39
N GLN A 304 -39.94 -0.92 -8.25
CA GLN A 304 -38.97 -1.01 -7.17
C GLN A 304 -38.85 -2.42 -6.62
N CYS A 305 -39.97 -3.12 -6.48
CA CYS A 305 -39.93 -4.50 -5.98
C CYS A 305 -39.27 -5.43 -6.98
N GLN A 306 -39.50 -5.23 -8.28
CA GLN A 306 -38.86 -6.06 -9.29
C GLN A 306 -37.36 -5.81 -9.34
N PHE A 307 -36.92 -4.58 -9.10
CA PHE A 307 -35.49 -4.32 -9.05
C PHE A 307 -34.86 -4.88 -7.77
N GLU A 308 -35.57 -4.83 -6.65
CA GLU A 308 -35.01 -5.31 -5.39
C GLU A 308 -35.11 -6.82 -5.24
N ASP A 309 -35.91 -7.49 -6.06
CA ASP A 309 -36.00 -8.95 -6.00
C ASP A 309 -34.84 -9.65 -6.69
N LEU A 310 -33.98 -8.91 -7.38
CA LEU A 310 -32.79 -9.47 -8.00
C LEU A 310 -31.61 -9.55 -7.04
N ASN A 311 -31.77 -9.08 -5.80
CA ASN A 311 -30.74 -9.17 -4.78
C ASN A 311 -30.73 -10.60 -4.24
N LYS A 312 -29.84 -11.42 -4.78
CA LYS A 312 -29.77 -12.82 -4.36
C LYS A 312 -29.10 -12.97 -3.01
N ARG A 313 -28.19 -12.07 -2.65
CA ARG A 313 -27.55 -12.12 -1.34
C ARG A 313 -28.55 -11.85 -0.22
N LYS A 314 -29.06 -10.63 -0.15
CA LYS A 314 -30.12 -10.17 0.75
C LYS A 314 -29.79 -10.35 2.24
N ASP A 315 -28.53 -10.64 2.58
CA ASP A 315 -28.14 -10.86 3.96
C ASP A 315 -26.88 -10.12 4.36
N THR A 316 -26.07 -9.65 3.40
CA THR A 316 -24.86 -8.91 3.70
C THR A 316 -24.78 -7.59 2.93
N LYS A 317 -25.86 -7.17 2.29
CA LYS A 317 -25.92 -5.89 1.61
C LYS A 317 -27.34 -5.36 1.64
N GLU A 318 -27.48 -4.05 1.46
CA GLU A 318 -28.76 -3.39 1.49
C GLU A 318 -28.93 -2.54 0.23
N ILE A 319 -30.19 -2.37 -0.18
CA ILE A 319 -30.54 -1.58 -1.34
C ILE A 319 -31.39 -0.42 -0.88
N TYR A 320 -30.93 0.80 -1.14
CA TYR A 320 -31.63 2.02 -0.79
C TYR A 320 -32.26 2.62 -2.03
N THR A 321 -33.56 2.91 -1.97
CA THR A 321 -34.32 3.32 -3.15
C THR A 321 -34.86 4.73 -2.94
N HIS A 322 -34.66 5.59 -3.94
CA HIS A 322 -35.17 6.95 -3.93
C HIS A 322 -35.86 7.25 -5.26
N PHE A 323 -36.91 8.04 -5.20
CA PHE A 323 -37.63 8.50 -6.38
C PHE A 323 -37.28 9.97 -6.59
N THR A 324 -36.55 10.26 -7.66
CA THR A 324 -36.04 11.59 -7.94
C THR A 324 -36.70 12.16 -9.19
N CYS A 325 -36.50 13.46 -9.39
CA CYS A 325 -36.90 14.12 -10.62
C CYS A 325 -35.95 15.29 -10.86
N SER A 326 -36.09 15.93 -12.03
CA SER A 326 -35.18 17.00 -12.40
C SER A 326 -35.38 18.23 -11.53
N THR A 327 -36.63 18.58 -11.23
CA THR A 327 -36.93 19.78 -10.43
C THR A 327 -37.03 19.41 -8.95
N ASP A 328 -35.90 18.93 -8.41
CA ASP A 328 -35.84 18.51 -7.02
C ASP A 328 -34.39 18.51 -6.57
N THR A 329 -34.10 19.18 -5.45
CA THR A 329 -32.78 19.16 -4.84
C THR A 329 -32.90 18.51 -3.46
N LYS A 330 -32.92 17.17 -3.46
CA LYS A 330 -32.92 16.39 -2.23
C LYS A 330 -32.08 15.13 -2.33
N ASN A 331 -31.41 14.90 -3.46
CA ASN A 331 -30.72 13.63 -3.68
C ASN A 331 -29.43 13.53 -2.87
N VAL A 332 -28.76 14.65 -2.64
CA VAL A 332 -27.53 14.66 -1.85
C VAL A 332 -27.83 14.28 -0.42
N GLN A 333 -28.99 14.70 0.10
CA GLN A 333 -29.41 14.31 1.44
C GLN A 333 -29.66 12.82 1.54
N PHE A 334 -30.28 12.23 0.50
CA PHE A 334 -30.51 10.79 0.48
C PHE A 334 -29.19 10.02 0.45
N VAL A 335 -28.25 10.50 -0.37
CA VAL A 335 -26.93 9.85 -0.44
C VAL A 335 -26.21 9.98 0.90
N PHE A 336 -26.34 11.13 1.56
CA PHE A 336 -25.72 11.35 2.86
C PHE A 336 -26.29 10.41 3.91
N ASP A 337 -27.61 10.24 3.93
CA ASP A 337 -28.23 9.34 4.90
C ASP A 337 -27.85 7.88 4.64
N ALA A 338 -27.86 7.46 3.37
CA ALA A 338 -27.48 6.09 3.03
C ALA A 338 -26.01 5.82 3.35
N VAL A 339 -25.14 6.80 3.11
CA VAL A 339 -23.72 6.55 3.36
C VAL A 339 -23.43 6.60 4.85
N THR A 340 -24.22 7.36 5.64
CA THR A 340 -24.08 7.25 7.08
C THR A 340 -24.49 5.88 7.59
N ASP A 341 -25.54 5.30 7.00
CA ASP A 341 -25.92 3.93 7.34
C ASP A 341 -24.81 2.94 7.01
N VAL A 342 -24.22 3.07 5.82
CA VAL A 342 -23.14 2.18 5.40
C VAL A 342 -21.92 2.35 6.29
N ILE A 343 -21.63 3.59 6.72
CA ILE A 343 -20.51 3.85 7.60
C ILE A 343 -20.73 3.22 8.97
N ILE A 344 -21.97 3.30 9.50
CA ILE A 344 -22.30 2.65 10.76
C ILE A 344 -22.12 1.15 10.66
N LYS A 345 -22.60 0.55 9.56
CA LYS A 345 -22.47 -0.90 9.39
C LYS A 345 -21.00 -1.31 9.24
N ASN A 346 -20.20 -0.50 8.54
CA ASN A 346 -18.78 -0.82 8.38
C ASN A 346 -18.03 -0.69 9.70
N ASN A 347 -18.40 0.29 10.51
CA ASN A 347 -17.79 0.42 11.83
C ASN A 347 -18.17 -0.74 12.74
N LEU A 348 -19.43 -1.21 12.66
CA LEU A 348 -19.84 -2.37 13.42
C LEU A 348 -19.11 -3.62 12.95
N LYS A 349 -18.87 -3.75 11.64
CA LYS A 349 -18.11 -4.88 11.12
C LYS A 349 -16.66 -4.83 11.56
N ASP A 350 -16.05 -3.65 11.56
CA ASP A 350 -14.67 -3.51 12.00
C ASP A 350 -14.53 -3.75 13.50
N CYS A 351 -15.56 -3.43 14.28
CA CYS A 351 -15.56 -3.75 15.70
C CYS A 351 -15.80 -5.24 15.98
N GLY A 352 -16.17 -6.02 14.97
CA GLY A 352 -16.42 -7.42 15.13
C GLY A 352 -17.81 -7.79 15.57
N LEU A 353 -18.73 -6.84 15.66
CA LEU A 353 -20.06 -7.12 16.18
C LEU A 353 -20.98 -7.76 15.15
N PHE A 354 -20.63 -7.71 13.87
CA PHE A 354 -21.40 -8.43 12.85
C PHE A 354 -20.75 -9.76 12.53
N SER B 19 -22.53 -13.67 -50.59
CA SER B 19 -21.81 -13.97 -51.83
C SER B 19 -20.32 -13.68 -51.67
N GLU B 20 -19.96 -12.40 -51.71
CA GLU B 20 -18.57 -12.01 -51.53
C GLU B 20 -18.10 -12.26 -50.10
N LEU B 21 -18.99 -12.02 -49.12
CA LEU B 21 -18.64 -12.28 -47.73
C LEU B 21 -18.46 -13.77 -47.48
N ASP B 22 -19.31 -14.62 -48.09
CA ASP B 22 -19.15 -16.06 -47.97
C ASP B 22 -17.86 -16.54 -48.64
N GLN B 23 -17.51 -15.95 -49.78
CA GLN B 23 -16.25 -16.30 -50.44
C GLN B 23 -15.05 -15.90 -49.61
N LEU B 24 -15.11 -14.72 -48.97
CA LEU B 24 -14.03 -14.28 -48.11
C LEU B 24 -13.92 -15.16 -46.86
N ARG B 25 -15.05 -15.59 -46.30
CA ARG B 25 -15.03 -16.51 -45.17
C ARG B 25 -14.45 -17.86 -45.56
N GLN B 26 -14.79 -18.35 -46.76
CA GLN B 26 -14.22 -19.60 -47.24
C GLN B 26 -12.71 -19.48 -47.46
N GLU B 27 -12.26 -18.33 -47.98
CA GLU B 27 -10.83 -18.11 -48.17
C GLU B 27 -10.10 -18.04 -46.83
N ALA B 28 -10.72 -17.40 -45.83
CA ALA B 28 -10.12 -17.34 -44.50
C ALA B 28 -10.04 -18.72 -43.86
N GLU B 29 -11.09 -19.53 -44.03
CA GLU B 29 -11.06 -20.90 -43.52
C GLU B 29 -10.01 -21.74 -44.22
N GLN B 30 -9.85 -21.54 -45.54
CA GLN B 30 -8.82 -22.26 -46.28
C GLN B 30 -7.43 -21.87 -45.82
N LEU B 31 -7.19 -20.59 -45.58
CA LEU B 31 -5.88 -20.15 -45.09
C LEU B 31 -5.62 -20.64 -43.67
N LYS B 32 -6.66 -20.69 -42.83
CA LYS B 32 -6.51 -21.22 -41.49
C LYS B 32 -6.18 -22.71 -41.50
N ASN B 33 -6.85 -23.48 -42.38
CA ASN B 33 -6.52 -24.89 -42.52
C ASN B 33 -5.12 -25.08 -43.10
N GLN B 34 -4.70 -24.19 -44.01
CA GLN B 34 -3.36 -24.27 -44.57
C GLN B 34 -2.28 -24.01 -43.52
N ILE B 35 -2.47 -22.99 -42.68
CA ILE B 35 -1.45 -22.73 -41.66
C ILE B 35 -1.49 -23.79 -40.56
N ARG B 36 -2.67 -24.39 -40.29
CA ARG B 36 -2.73 -25.50 -39.35
C ARG B 36 -2.00 -26.72 -39.89
N ASP B 37 -2.16 -27.01 -41.18
CA ASP B 37 -1.42 -28.13 -41.78
C ASP B 37 0.07 -27.85 -41.86
N ALA B 38 0.46 -26.60 -42.09
CA ALA B 38 1.88 -26.25 -42.13
C ALA B 38 2.51 -26.36 -40.75
N ARG B 39 1.80 -25.94 -39.71
CA ARG B 39 2.33 -26.09 -38.36
C ARG B 39 2.22 -27.53 -37.85
N LYS B 40 1.38 -28.35 -38.48
CA LYS B 40 1.37 -29.78 -38.17
C LYS B 40 2.54 -30.51 -38.83
N ALA B 41 2.96 -30.06 -40.01
CA ALA B 41 4.04 -30.73 -40.73
C ALA B 41 5.39 -30.51 -40.05
N CYS B 42 5.56 -29.40 -39.34
CA CYS B 42 6.79 -29.12 -38.61
C CYS B 42 6.68 -29.50 -37.14
N ALA B 43 5.95 -30.58 -36.84
CA ALA B 43 5.70 -31.00 -35.46
C ALA B 43 6.13 -32.45 -35.27
N ASP B 44 7.37 -32.77 -35.68
CA ASP B 44 7.84 -34.15 -35.66
C ASP B 44 7.96 -34.69 -34.24
N ALA B 45 8.48 -33.91 -33.30
CA ALA B 45 8.65 -34.33 -31.93
C ALA B 45 8.00 -33.32 -31.00
N THR B 46 8.12 -33.57 -29.69
CA THR B 46 7.61 -32.67 -28.67
C THR B 46 8.73 -32.32 -27.69
N LEU B 47 8.58 -31.16 -27.05
CA LEU B 47 9.59 -30.69 -26.11
C LEU B 47 9.67 -31.58 -24.87
N SER B 48 8.53 -32.16 -24.45
CA SER B 48 8.53 -33.07 -23.31
C SER B 48 9.30 -34.34 -23.62
N GLN B 49 9.20 -34.84 -24.86
CA GLN B 49 9.89 -36.08 -25.23
C GLN B 49 11.38 -35.87 -25.36
N ILE B 50 11.79 -34.72 -25.89
CA ILE B 50 13.21 -34.45 -26.12
C ILE B 50 13.94 -34.24 -24.80
N THR B 51 13.35 -33.46 -23.90
CA THR B 51 13.95 -33.18 -22.60
C THR B 51 13.54 -34.20 -21.53
N ASN B 52 13.14 -35.40 -21.94
CA ASN B 52 12.80 -36.45 -20.99
C ASN B 52 14.03 -37.14 -20.41
N ASN B 53 15.22 -36.90 -20.95
CA ASN B 53 16.44 -37.51 -20.47
C ASN B 53 17.44 -36.49 -19.93
N ILE B 54 16.97 -35.31 -19.56
CA ILE B 54 17.83 -34.30 -18.96
C ILE B 54 17.66 -34.36 -17.45
N ASP B 55 18.60 -33.75 -16.74
CA ASP B 55 18.62 -33.83 -15.29
C ASP B 55 17.59 -32.87 -14.70
N PRO B 56 16.63 -33.35 -13.93
CA PRO B 56 15.65 -32.45 -13.31
C PRO B 56 16.22 -31.74 -12.10
N VAL B 57 15.81 -30.48 -11.94
CA VAL B 57 16.15 -29.73 -10.73
C VAL B 57 15.23 -30.17 -9.60
N GLY B 58 15.81 -30.38 -8.43
CA GLY B 58 15.08 -31.00 -7.34
C GLY B 58 13.98 -30.16 -6.73
N ARG B 59 14.36 -29.08 -6.03
CA ARG B 59 13.39 -28.26 -5.34
C ARG B 59 14.00 -26.88 -5.11
N ILE B 60 13.29 -25.85 -5.54
CA ILE B 60 13.74 -24.48 -5.38
C ILE B 60 13.10 -23.93 -4.12
N GLN B 61 13.90 -23.77 -3.07
CA GLN B 61 13.42 -23.29 -1.78
C GLN B 61 13.87 -21.85 -1.62
N MET B 62 13.04 -20.93 -2.10
CA MET B 62 13.31 -19.51 -1.95
C MET B 62 12.69 -19.00 -0.66
N ARG B 63 13.34 -17.99 -0.07
CA ARG B 63 12.91 -17.43 1.20
C ARG B 63 12.76 -15.92 1.06
N THR B 64 11.85 -15.36 1.86
CA THR B 64 11.62 -13.92 1.84
C THR B 64 12.77 -13.21 2.54
N ARG B 65 13.46 -12.34 1.80
CA ARG B 65 14.57 -11.59 2.36
C ARG B 65 14.12 -10.22 2.86
N ARG B 66 13.52 -9.42 1.97
CA ARG B 66 13.02 -8.10 2.31
C ARG B 66 11.53 -8.04 2.03
N THR B 67 10.77 -7.47 2.96
CA THR B 67 9.35 -7.19 2.76
C THR B 67 9.17 -5.69 2.71
N LEU B 68 8.67 -5.18 1.58
CA LEU B 68 8.55 -3.75 1.37
C LEU B 68 7.17 -3.29 1.83
N ARG B 69 7.14 -2.46 2.87
CA ARG B 69 5.92 -1.94 3.45
C ARG B 69 5.79 -0.46 3.18
N GLY B 70 4.55 0.02 3.12
CA GLY B 70 4.31 1.43 2.90
C GLY B 70 3.11 1.72 2.03
N HIS B 71 2.77 0.80 1.14
CA HIS B 71 1.56 0.95 0.35
C HIS B 71 0.35 0.56 1.18
N LEU B 72 -0.78 1.22 0.91
CA LEU B 72 -1.98 1.05 1.72
C LEU B 72 -3.14 0.42 0.96
N ALA B 73 -3.08 0.35 -0.35
CA ALA B 73 -4.05 -0.33 -1.18
C ALA B 73 -3.36 -1.45 -1.95
N LYS B 74 -4.11 -2.10 -2.82
CA LYS B 74 -3.60 -3.27 -3.54
C LYS B 74 -2.58 -2.87 -4.60
N ILE B 75 -1.51 -3.64 -4.68
CA ILE B 75 -0.49 -3.45 -5.71
C ILE B 75 -1.00 -4.03 -7.03
N TYR B 76 -0.91 -3.24 -8.09
CA TYR B 76 -1.28 -3.73 -9.41
C TYR B 76 -0.11 -3.95 -10.34
N ALA B 77 1.02 -3.28 -10.13
CA ALA B 77 2.16 -3.44 -11.01
C ALA B 77 3.45 -3.11 -10.27
N MET B 78 4.50 -3.85 -10.60
CA MET B 78 5.86 -3.50 -10.20
C MET B 78 6.77 -3.69 -11.41
N HIS B 79 7.86 -2.93 -11.44
CA HIS B 79 8.89 -3.12 -12.44
C HIS B 79 10.26 -2.90 -11.83
N TRP B 80 11.21 -3.73 -12.23
CA TRP B 80 12.58 -3.61 -11.77
C TRP B 80 13.34 -2.59 -12.60
N GLY B 81 14.44 -2.11 -12.05
CA GLY B 81 15.38 -1.32 -12.82
C GLY B 81 16.48 -2.16 -13.41
N THR B 82 17.26 -1.55 -14.28
CA THR B 82 18.37 -2.26 -14.90
C THR B 82 19.58 -2.39 -13.99
N ASP B 83 19.62 -1.67 -12.87
CA ASP B 83 20.67 -1.80 -11.88
C ASP B 83 20.40 -2.90 -10.88
N SER B 84 19.23 -3.55 -10.98
CA SER B 84 18.81 -4.67 -10.12
C SER B 84 18.74 -4.28 -8.65
N ARG B 85 18.55 -3.01 -8.38
CA ARG B 85 18.41 -2.51 -7.01
C ARG B 85 17.19 -1.64 -6.82
N LEU B 86 16.84 -0.82 -7.81
CA LEU B 86 15.72 0.10 -7.72
C LEU B 86 14.51 -0.50 -8.42
N LEU B 87 13.38 -0.54 -7.73
CA LEU B 87 12.13 -1.01 -8.31
C LEU B 87 11.02 -0.02 -7.99
N VAL B 88 10.10 0.14 -8.94
CA VAL B 88 8.96 1.02 -8.81
C VAL B 88 7.71 0.16 -8.66
N SER B 89 6.77 0.64 -7.86
CA SER B 89 5.52 -0.07 -7.62
C SER B 89 4.35 0.89 -7.75
N ALA B 90 3.22 0.36 -8.21
CA ALA B 90 2.00 1.13 -8.40
C ALA B 90 0.89 0.51 -7.57
N SER B 91 0.08 1.37 -6.95
CA SER B 91 -1.01 0.90 -6.10
C SER B 91 -2.17 1.88 -6.21
N GLN B 92 -3.35 1.41 -5.84
CA GLN B 92 -4.60 2.17 -5.97
C GLN B 92 -4.75 3.28 -4.94
N ASP B 93 -3.72 3.56 -4.14
CA ASP B 93 -3.73 4.68 -3.21
C ASP B 93 -3.24 5.97 -3.85
N GLY B 94 -3.09 5.99 -5.17
CA GLY B 94 -2.55 7.15 -5.87
C GLY B 94 -1.10 7.40 -5.57
N LYS B 95 -0.31 6.34 -5.44
CA LYS B 95 1.10 6.47 -5.10
C LYS B 95 1.94 5.60 -6.03
N LEU B 96 3.17 6.06 -6.26
CA LEU B 96 4.13 5.36 -7.13
C LEU B 96 5.46 5.41 -6.40
N ILE B 97 5.73 4.39 -5.60
CA ILE B 97 6.89 4.37 -4.71
C ILE B 97 8.05 3.70 -5.41
N ILE B 98 9.21 4.36 -5.38
CA ILE B 98 10.47 3.79 -5.86
C ILE B 98 11.27 3.32 -4.67
N TRP B 99 11.63 2.04 -4.66
CA TRP B 99 12.25 1.41 -3.51
C TRP B 99 13.71 1.13 -3.76
N ASP B 100 14.50 1.20 -2.69
CA ASP B 100 15.85 0.66 -2.67
C ASP B 100 15.77 -0.72 -2.03
N SER B 101 15.86 -1.76 -2.87
CA SER B 101 15.59 -3.12 -2.42
C SER B 101 16.65 -3.65 -1.46
N TYR B 102 17.87 -3.13 -1.52
CA TYR B 102 18.93 -3.63 -0.65
C TYR B 102 18.71 -3.22 0.80
N THR B 103 18.33 -1.96 1.02
CA THR B 103 18.20 -1.41 2.36
C THR B 103 16.76 -1.30 2.83
N THR B 104 15.79 -1.57 1.95
CA THR B 104 14.35 -1.50 2.23
C THR B 104 13.98 -0.11 2.76
N ASN B 105 14.14 0.87 1.88
CA ASN B 105 13.74 2.23 2.18
C ASN B 105 13.35 2.93 0.88
N LYS B 106 12.56 3.97 1.02
CA LYS B 106 11.88 4.60 -0.11
C LYS B 106 12.70 5.79 -0.63
N VAL B 107 12.92 5.81 -1.93
CA VAL B 107 13.62 6.90 -2.58
C VAL B 107 12.66 8.02 -2.98
N HIS B 108 11.51 7.66 -3.55
CA HIS B 108 10.53 8.62 -4.02
C HIS B 108 9.13 8.10 -3.74
N ALA B 109 8.21 9.04 -3.55
CA ALA B 109 6.78 8.73 -3.42
C ALA B 109 6.04 9.71 -4.32
N ILE B 110 5.59 9.22 -5.48
CA ILE B 110 5.02 10.07 -6.52
C ILE B 110 3.50 10.05 -6.37
N PRO B 111 2.86 11.18 -6.09
CA PRO B 111 1.39 11.21 -6.04
C PRO B 111 0.80 11.39 -7.44
N LEU B 112 -0.02 10.44 -7.84
CA LEU B 112 -0.60 10.45 -9.17
C LEU B 112 -1.89 11.26 -9.20
N ARG B 113 -2.17 11.85 -10.37
CA ARG B 113 -3.39 12.63 -10.53
C ARG B 113 -4.63 11.73 -10.51
N SER B 114 -4.53 10.54 -11.08
CA SER B 114 -5.58 9.54 -11.02
C SER B 114 -5.07 8.34 -10.24
N SER B 115 -5.87 7.89 -9.27
CA SER B 115 -5.47 6.80 -8.38
C SER B 115 -5.74 5.43 -8.99
N TRP B 116 -6.32 5.36 -10.18
CA TRP B 116 -6.69 4.10 -10.79
C TRP B 116 -5.61 3.59 -11.74
N VAL B 117 -4.43 3.36 -11.16
CA VAL B 117 -3.29 2.90 -11.92
C VAL B 117 -3.39 1.40 -12.12
N MET B 118 -3.01 0.93 -13.31
CA MET B 118 -3.01 -0.49 -13.62
C MET B 118 -1.68 -0.99 -14.14
N THR B 119 -0.73 -0.11 -14.44
CA THR B 119 0.57 -0.53 -14.94
C THR B 119 1.63 0.48 -14.51
N CYS B 120 2.86 0.02 -14.44
CA CYS B 120 3.99 0.88 -14.14
C CYS B 120 5.21 0.36 -14.89
N ALA B 121 6.09 1.29 -15.26
CA ALA B 121 7.28 0.96 -16.02
C ALA B 121 8.46 1.76 -15.49
N TYR B 122 9.65 1.19 -15.63
CA TYR B 122 10.89 1.82 -15.23
C TYR B 122 11.75 1.94 -16.48
N ALA B 123 12.24 3.15 -16.76
CA ALA B 123 13.06 3.35 -17.94
C ALA B 123 14.41 2.65 -17.78
N PRO B 124 14.98 2.12 -18.87
CA PRO B 124 16.30 1.48 -18.77
C PRO B 124 17.40 2.43 -18.31
N SER B 125 17.32 3.71 -18.65
CA SER B 125 18.28 4.69 -18.16
C SER B 125 18.04 5.06 -16.70
N GLY B 126 16.83 4.81 -16.18
CA GLY B 126 16.49 5.17 -14.83
C GLY B 126 16.05 6.60 -14.65
N ASN B 127 15.96 7.38 -15.72
CA ASN B 127 15.59 8.79 -15.60
C ASN B 127 14.08 9.00 -15.53
N TYR B 128 13.28 8.02 -15.92
CA TYR B 128 11.84 8.20 -16.02
C TYR B 128 11.12 6.96 -15.49
N VAL B 129 9.89 7.19 -15.04
CA VAL B 129 8.94 6.12 -14.73
C VAL B 129 7.64 6.44 -15.42
N ALA B 130 6.84 5.41 -15.65
CA ALA B 130 5.56 5.54 -16.34
C ALA B 130 4.47 4.90 -15.50
N CYS B 131 3.24 5.37 -15.72
CA CYS B 131 2.07 4.79 -15.09
C CYS B 131 0.85 5.09 -15.95
N GLY B 132 -0.20 4.31 -15.73
CA GLY B 132 -1.44 4.51 -16.47
C GLY B 132 -2.51 3.58 -15.95
N GLY B 133 -3.71 3.76 -16.48
CA GLY B 133 -4.84 2.96 -16.04
C GLY B 133 -6.17 3.41 -16.60
N LEU B 134 -7.16 3.59 -15.71
CA LEU B 134 -8.53 3.88 -16.12
C LEU B 134 -8.71 5.30 -16.65
N ASP B 135 -7.71 6.17 -16.53
CA ASP B 135 -7.80 7.51 -17.10
C ASP B 135 -7.36 7.54 -18.56
N ASN B 136 -6.91 6.40 -19.10
CA ASN B 136 -6.48 6.24 -20.50
C ASN B 136 -5.31 7.17 -20.85
N ILE B 137 -4.45 7.46 -19.88
CA ILE B 137 -3.33 8.38 -20.07
C ILE B 137 -2.06 7.72 -19.57
N CYS B 138 -1.03 7.67 -20.41
CA CYS B 138 0.30 7.24 -20.01
C CYS B 138 1.06 8.45 -19.52
N SER B 139 1.26 8.55 -18.21
CA SER B 139 1.95 9.67 -17.59
C SER B 139 3.41 9.30 -17.36
N ILE B 140 4.32 10.15 -17.81
CA ILE B 140 5.75 9.93 -17.68
C ILE B 140 6.31 10.95 -16.70
N TYR B 141 7.03 10.45 -15.68
CA TYR B 141 7.51 11.27 -14.59
C TYR B 141 9.02 11.40 -14.66
N ASN B 142 9.52 12.63 -14.52
CA ASN B 142 10.95 12.91 -14.55
C ASN B 142 11.51 12.79 -13.14
N LEU B 143 12.31 11.75 -12.90
CA LEU B 143 12.89 11.55 -11.57
C LEU B 143 14.05 12.51 -11.31
N LYS B 144 14.91 12.74 -12.29
CA LYS B 144 16.14 13.50 -12.10
C LYS B 144 15.93 14.91 -12.63
N THR B 145 15.38 15.77 -11.79
CA THR B 145 15.18 17.18 -12.08
C THR B 145 16.11 18.03 -11.23
N ARG B 146 16.25 19.30 -11.61
CA ARG B 146 17.06 20.23 -10.83
C ARG B 146 16.44 20.50 -9.47
N GLU B 147 15.12 20.63 -9.42
CA GLU B 147 14.43 20.64 -8.15
C GLU B 147 14.40 19.23 -7.57
N GLY B 148 14.09 19.14 -6.29
CA GLY B 148 14.10 17.85 -5.64
C GLY B 148 12.87 16.98 -5.85
N ASN B 149 11.88 17.48 -6.58
CA ASN B 149 10.63 16.75 -6.76
C ASN B 149 10.68 15.92 -8.04
N VAL B 150 9.69 15.05 -8.17
CA VAL B 150 9.46 14.28 -9.39
C VAL B 150 8.22 14.85 -10.05
N ARG B 151 8.38 15.48 -11.19
CA ARG B 151 7.29 16.16 -11.88
C ARG B 151 6.87 15.36 -13.11
N VAL B 152 5.68 15.69 -13.61
CA VAL B 152 5.13 15.02 -14.79
C VAL B 152 5.80 15.62 -16.03
N SER B 153 6.39 14.76 -16.85
CA SER B 153 6.99 15.21 -18.09
C SER B 153 5.95 15.31 -19.20
N ARG B 154 5.20 14.22 -19.42
CA ARG B 154 4.23 14.15 -20.49
C ARG B 154 2.99 13.41 -20.03
N GLU B 155 1.89 13.66 -20.72
CA GLU B 155 0.61 12.96 -20.51
C GLU B 155 0.14 12.51 -21.89
N LEU B 156 0.54 11.31 -22.28
CA LEU B 156 0.17 10.76 -23.59
C LEU B 156 -1.28 10.31 -23.55
N ALA B 157 -2.14 10.99 -24.31
CA ALA B 157 -3.57 10.76 -24.28
C ALA B 157 -4.09 10.56 -25.71
N GLY B 158 -4.12 9.32 -26.16
CA GLY B 158 -4.73 9.00 -27.44
C GLY B 158 -5.50 7.70 -27.43
N HIS B 159 -5.53 7.01 -26.30
CA HIS B 159 -6.24 5.74 -26.20
C HIS B 159 -7.69 5.97 -25.79
N THR B 160 -8.55 5.04 -26.21
CA THR B 160 -9.97 5.07 -25.87
C THR B 160 -10.26 4.30 -24.60
N GLY B 161 -9.60 3.16 -24.40
CA GLY B 161 -9.78 2.33 -23.23
C GLY B 161 -8.61 2.40 -22.26
N TYR B 162 -8.74 1.62 -21.19
CA TYR B 162 -7.79 1.63 -20.10
C TYR B 162 -6.45 1.05 -20.53
N LEU B 163 -5.36 1.67 -20.08
CA LEU B 163 -4.04 1.14 -20.33
C LEU B 163 -3.76 -0.06 -19.43
N SER B 164 -3.28 -1.14 -20.03
CA SER B 164 -3.00 -2.37 -19.30
C SER B 164 -1.52 -2.60 -19.06
N CYS B 165 -0.65 -2.17 -19.97
CA CYS B 165 0.79 -2.34 -19.80
C CYS B 165 1.51 -1.26 -20.58
N CYS B 166 2.67 -0.84 -20.05
CA CYS B 166 3.54 0.10 -20.73
C CYS B 166 4.98 -0.36 -20.54
N ARG B 167 5.77 -0.23 -21.60
CA ARG B 167 7.17 -0.64 -21.57
C ARG B 167 8.00 0.39 -22.32
N PHE B 168 9.15 0.74 -21.74
CA PHE B 168 10.04 1.75 -22.29
C PHE B 168 10.98 1.10 -23.31
N LEU B 169 11.13 1.74 -24.46
CA LEU B 169 12.14 1.34 -25.44
C LEU B 169 13.44 2.09 -25.21
N ASP B 170 13.35 3.41 -25.08
CA ASP B 170 14.45 4.27 -24.66
C ASP B 170 13.84 5.45 -23.92
N ASP B 171 14.60 6.53 -23.78
CA ASP B 171 14.09 7.71 -23.09
C ASP B 171 13.02 8.44 -23.89
N ASN B 172 12.83 8.13 -25.17
CA ASN B 172 11.89 8.85 -26.01
C ASN B 172 10.77 8.00 -26.57
N GLN B 173 10.81 6.68 -26.43
CA GLN B 173 9.80 5.79 -26.98
C GLN B 173 9.23 4.90 -25.89
N ILE B 174 7.94 4.61 -26.00
CA ILE B 174 7.25 3.75 -25.05
C ILE B 174 6.08 3.07 -25.77
N VAL B 175 5.95 1.76 -25.58
CA VAL B 175 4.88 0.97 -26.17
C VAL B 175 3.83 0.73 -25.09
N THR B 176 2.58 1.10 -25.38
CA THR B 176 1.48 0.97 -24.45
C THR B 176 0.45 0.01 -25.00
N SER B 177 -0.09 -0.85 -24.14
CA SER B 177 -1.19 -1.74 -24.46
C SER B 177 -2.44 -1.25 -23.75
N SER B 178 -3.55 -1.20 -24.46
CA SER B 178 -4.78 -0.66 -23.92
C SER B 178 -5.93 -1.63 -24.16
N GLY B 179 -7.03 -1.38 -23.45
CA GLY B 179 -8.24 -2.18 -23.53
C GLY B 179 -9.20 -1.78 -24.63
N ASP B 180 -8.81 -0.86 -25.51
CA ASP B 180 -9.61 -0.52 -26.68
C ASP B 180 -9.17 -1.30 -27.92
N THR B 181 -8.58 -2.48 -27.70
CA THR B 181 -8.12 -3.39 -28.75
C THR B 181 -7.07 -2.71 -29.64
N THR B 182 -6.01 -2.24 -28.99
CA THR B 182 -5.01 -1.39 -29.63
C THR B 182 -3.74 -1.37 -28.80
N CYS B 183 -2.60 -1.57 -29.46
CA CYS B 183 -1.29 -1.24 -28.92
C CYS B 183 -0.72 -0.06 -29.70
N ALA B 184 0.01 0.80 -29.01
CA ALA B 184 0.52 2.02 -29.61
C ALA B 184 1.96 2.26 -29.22
N LEU B 185 2.73 2.85 -30.15
CA LEU B 185 4.09 3.30 -29.91
C LEU B 185 4.11 4.81 -29.91
N TRP B 186 4.71 5.40 -28.87
CA TRP B 186 4.66 6.83 -28.64
C TRP B 186 6.03 7.47 -28.81
N ASP B 187 6.00 8.74 -29.17
CA ASP B 187 7.16 9.62 -29.12
C ASP B 187 6.92 10.62 -28.00
N ILE B 188 7.76 10.56 -26.96
CA ILE B 188 7.49 11.32 -25.74
C ILE B 188 7.68 12.81 -25.95
N GLU B 189 8.72 13.21 -26.69
CA GLU B 189 9.00 14.62 -26.90
C GLU B 189 7.90 15.30 -27.70
N THR B 190 7.41 14.65 -28.76
CA THR B 190 6.29 15.21 -29.51
C THR B 190 4.96 15.01 -28.80
N GLY B 191 4.81 13.91 -28.07
CA GLY B 191 3.56 13.59 -27.42
C GLY B 191 2.57 12.82 -28.27
N GLN B 192 2.90 12.55 -29.52
CA GLN B 192 2.01 11.85 -30.44
C GLN B 192 2.45 10.40 -30.59
N GLN B 193 1.54 9.59 -31.14
CA GLN B 193 1.80 8.18 -31.38
C GLN B 193 2.24 7.98 -32.83
N THR B 194 3.32 7.23 -33.02
CA THR B 194 3.90 7.03 -34.34
C THR B 194 3.32 5.80 -35.03
N THR B 195 3.10 4.73 -34.28
CA THR B 195 2.62 3.47 -34.85
C THR B 195 1.45 2.97 -34.03
N THR B 196 0.40 2.54 -34.71
CA THR B 196 -0.78 1.97 -34.08
C THR B 196 -0.89 0.51 -34.50
N PHE B 197 -0.78 -0.39 -33.53
CA PHE B 197 -0.76 -1.85 -33.83
C PHE B 197 -2.19 -2.37 -33.73
N THR B 198 -2.87 -2.55 -34.86
CA THR B 198 -4.31 -2.90 -34.82
C THR B 198 -4.61 -4.22 -35.50
N GLY B 199 -4.55 -5.32 -34.76
CA GLY B 199 -4.98 -6.61 -35.24
C GLY B 199 -5.83 -7.50 -34.35
N HIS B 200 -5.97 -7.12 -33.08
CA HIS B 200 -6.61 -7.98 -32.10
C HIS B 200 -8.13 -7.94 -32.24
N THR B 201 -8.79 -8.61 -31.32
CA THR B 201 -10.25 -8.59 -31.22
C THR B 201 -10.74 -8.23 -29.83
N GLY B 202 -10.03 -8.65 -28.78
CA GLY B 202 -10.37 -8.31 -27.42
C GLY B 202 -9.41 -7.30 -26.83
N ASP B 203 -9.57 -7.08 -25.51
CA ASP B 203 -8.73 -6.13 -24.81
C ASP B 203 -7.33 -6.69 -24.62
N VAL B 204 -6.33 -5.91 -25.00
CA VAL B 204 -4.94 -6.30 -24.80
C VAL B 204 -4.57 -6.09 -23.34
N MET B 205 -4.05 -7.14 -22.71
CA MET B 205 -3.83 -7.13 -21.27
C MET B 205 -2.37 -7.18 -20.84
N SER B 206 -1.46 -7.56 -21.73
CA SER B 206 -0.07 -7.76 -21.32
C SER B 206 0.87 -7.36 -22.45
N LEU B 207 2.10 -7.05 -22.07
CA LEU B 207 3.15 -6.66 -23.00
C LEU B 207 4.45 -7.33 -22.60
N SER B 208 5.32 -7.54 -23.58
CA SER B 208 6.67 -8.01 -23.33
C SER B 208 7.54 -7.54 -24.48
N LEU B 209 8.64 -6.87 -24.15
CA LEU B 209 9.60 -6.43 -25.15
C LEU B 209 10.72 -7.46 -25.28
N ALA B 210 11.16 -7.69 -26.52
CA ALA B 210 12.27 -8.60 -26.76
C ALA B 210 13.58 -7.96 -26.29
N PRO B 211 14.59 -8.78 -25.97
CA PRO B 211 15.88 -8.21 -25.53
C PRO B 211 16.56 -7.32 -26.54
N ASP B 212 16.42 -7.58 -27.84
CA ASP B 212 17.04 -6.71 -28.83
C ASP B 212 16.23 -5.45 -29.10
N THR B 213 15.00 -5.38 -28.58
CA THR B 213 14.12 -4.21 -28.66
C THR B 213 13.85 -3.85 -30.13
N ARG B 214 13.25 -4.80 -30.83
CA ARG B 214 12.82 -4.61 -32.21
C ARG B 214 11.44 -5.18 -32.47
N LEU B 215 10.88 -5.98 -31.57
CA LEU B 215 9.64 -6.70 -31.79
C LEU B 215 9.08 -7.09 -30.44
N PHE B 216 7.76 -7.20 -30.35
CA PHE B 216 7.14 -7.45 -29.06
C PHE B 216 5.89 -8.30 -29.23
N VAL B 217 5.53 -9.00 -28.15
CA VAL B 217 4.34 -9.83 -28.11
C VAL B 217 3.31 -9.16 -27.21
N SER B 218 2.04 -9.46 -27.48
CA SER B 218 0.92 -8.87 -26.74
C SER B 218 -0.15 -9.92 -26.56
N GLY B 219 -0.50 -10.22 -25.32
CA GLY B 219 -1.56 -11.15 -25.00
C GLY B 219 -2.85 -10.41 -24.72
N ALA B 220 -3.91 -10.83 -25.38
CA ALA B 220 -5.19 -10.13 -25.31
C ALA B 220 -6.27 -11.07 -24.76
N CYS B 221 -7.51 -10.58 -24.80
CA CYS B 221 -8.66 -11.29 -24.25
C CYS B 221 -9.39 -12.14 -25.28
N ASP B 222 -8.83 -12.30 -26.47
CA ASP B 222 -9.39 -13.21 -27.47
C ASP B 222 -8.68 -14.56 -27.47
N ALA B 223 -8.00 -14.89 -26.38
CA ALA B 223 -7.16 -16.09 -26.24
C ALA B 223 -6.12 -16.16 -27.35
N SER B 224 -5.48 -15.04 -27.63
CA SER B 224 -4.49 -14.96 -28.70
C SER B 224 -3.32 -14.09 -28.26
N ALA B 225 -2.15 -14.40 -28.79
CA ALA B 225 -0.94 -13.59 -28.62
C ALA B 225 -0.38 -13.29 -29.98
N LYS B 226 -0.03 -12.02 -30.22
CA LYS B 226 0.41 -11.57 -31.53
C LYS B 226 1.83 -11.02 -31.44
N LEU B 227 2.68 -11.45 -32.37
CA LEU B 227 4.05 -10.97 -32.45
C LEU B 227 4.10 -9.77 -33.38
N TRP B 228 4.33 -8.59 -32.81
CA TRP B 228 4.34 -7.34 -33.54
C TRP B 228 5.76 -6.95 -33.91
N ASP B 229 5.86 -6.10 -34.94
CA ASP B 229 7.12 -5.49 -35.34
C ASP B 229 7.05 -4.00 -35.07
N VAL B 230 8.07 -3.48 -34.39
CA VAL B 230 8.03 -2.10 -33.91
C VAL B 230 8.17 -1.13 -35.07
N ARG B 231 9.18 -1.34 -35.93
CA ARG B 231 9.41 -0.41 -37.03
C ARG B 231 8.39 -0.58 -38.14
N GLU B 232 8.07 -1.83 -38.50
CA GLU B 232 7.17 -2.07 -39.62
C GLU B 232 5.72 -1.80 -39.24
N GLY B 233 5.33 -2.14 -38.02
CA GLY B 233 3.98 -1.86 -37.56
C GLY B 233 2.95 -2.88 -37.94
N MET B 234 3.36 -4.08 -38.34
CA MET B 234 2.42 -5.14 -38.72
C MET B 234 2.64 -6.37 -37.85
N CYS B 235 1.56 -7.09 -37.61
CA CYS B 235 1.65 -8.37 -36.91
C CYS B 235 2.35 -9.40 -37.79
N ARG B 236 3.20 -10.22 -37.18
CA ARG B 236 3.93 -11.25 -37.90
C ARG B 236 3.39 -12.65 -37.65
N GLN B 237 3.06 -12.98 -36.39
CA GLN B 237 2.56 -14.30 -36.04
C GLN B 237 1.43 -14.16 -35.05
N THR B 238 0.50 -15.12 -35.10
CA THR B 238 -0.62 -15.19 -34.17
C THR B 238 -0.61 -16.57 -33.51
N PHE B 239 -0.75 -16.59 -32.19
CA PHE B 239 -0.63 -17.82 -31.41
C PHE B 239 -1.94 -18.05 -30.66
N THR B 240 -2.64 -19.12 -31.05
CA THR B 240 -3.99 -19.40 -30.54
C THR B 240 -3.98 -20.79 -29.90
N GLY B 241 -3.66 -20.85 -28.61
CA GLY B 241 -3.73 -22.12 -27.90
C GLY B 241 -4.58 -22.08 -26.64
N HIS B 242 -4.74 -20.89 -26.06
CA HIS B 242 -5.45 -20.75 -24.80
C HIS B 242 -6.95 -20.80 -25.02
N GLU B 243 -7.69 -20.98 -23.92
CA GLU B 243 -9.14 -21.02 -23.94
C GLU B 243 -9.77 -19.92 -23.09
N SER B 244 -8.99 -18.96 -22.64
CA SER B 244 -9.50 -17.88 -21.81
C SER B 244 -8.63 -16.65 -22.01
N ASP B 245 -8.83 -15.65 -21.15
CA ASP B 245 -8.18 -14.36 -21.31
C ASP B 245 -6.72 -14.43 -20.87
N ILE B 246 -5.81 -14.02 -21.75
CA ILE B 246 -4.39 -13.98 -21.42
C ILE B 246 -4.10 -12.72 -20.63
N ASN B 247 -3.59 -12.88 -19.41
CA ASN B 247 -3.30 -11.74 -18.54
C ASN B 247 -1.82 -11.44 -18.43
N ALA B 248 -0.94 -12.34 -18.88
CA ALA B 248 0.48 -12.17 -18.67
C ALA B 248 1.25 -12.76 -19.85
N ILE B 249 2.36 -12.10 -20.18
CA ILE B 249 3.21 -12.54 -21.29
C ILE B 249 4.64 -12.11 -20.97
N CYS B 250 5.60 -12.92 -21.41
CA CYS B 250 7.02 -12.68 -21.14
C CYS B 250 7.87 -13.49 -22.09
N PHE B 251 8.83 -12.84 -22.74
CA PHE B 251 9.80 -13.56 -23.57
C PHE B 251 10.73 -14.46 -22.77
N PHE B 252 11.18 -15.51 -23.43
CA PHE B 252 12.37 -16.24 -23.03
C PHE B 252 13.58 -15.29 -23.13
N PRO B 253 14.61 -15.50 -22.32
CA PRO B 253 15.81 -14.66 -22.45
C PRO B 253 16.50 -14.75 -23.80
N ASN B 254 16.33 -15.86 -24.53
CA ASN B 254 16.88 -15.99 -25.87
C ASN B 254 16.21 -15.03 -26.85
N GLY B 255 14.94 -14.69 -26.61
CA GLY B 255 14.16 -13.90 -27.53
C GLY B 255 13.49 -14.69 -28.63
N ASN B 256 13.67 -16.00 -28.67
CA ASN B 256 13.06 -16.87 -29.67
C ASN B 256 11.83 -17.60 -29.14
N ALA B 257 11.40 -17.30 -27.92
CA ALA B 257 10.23 -17.95 -27.34
C ALA B 257 9.62 -17.03 -26.30
N PHE B 258 8.38 -17.32 -25.93
CA PHE B 258 7.70 -16.56 -24.90
C PHE B 258 6.68 -17.43 -24.21
N ALA B 259 6.27 -17.00 -23.02
CA ALA B 259 5.32 -17.73 -22.20
C ALA B 259 4.10 -16.85 -21.93
N THR B 260 2.94 -17.50 -21.88
CA THR B 260 1.66 -16.81 -21.68
C THR B 260 0.97 -17.34 -20.44
N GLY B 261 0.30 -16.44 -19.72
CA GLY B 261 -0.47 -16.83 -18.56
C GLY B 261 -1.92 -16.40 -18.70
N SER B 262 -2.84 -17.35 -18.69
CA SER B 262 -4.24 -17.09 -18.98
C SER B 262 -5.11 -17.38 -17.76
N ASP B 263 -6.41 -17.24 -17.95
CA ASP B 263 -7.38 -17.48 -16.90
C ASP B 263 -7.89 -18.90 -16.87
N ASP B 264 -7.41 -19.78 -17.76
CA ASP B 264 -7.78 -21.18 -17.75
C ASP B 264 -6.80 -22.04 -16.95
N ALA B 265 -6.07 -21.42 -16.02
CA ALA B 265 -5.15 -22.09 -15.08
C ALA B 265 -4.02 -22.82 -15.78
N THR B 266 -3.63 -22.38 -16.98
CA THR B 266 -2.54 -22.99 -17.72
C THR B 266 -1.56 -21.92 -18.17
N CYS B 267 -0.28 -22.29 -18.17
CA CYS B 267 0.78 -21.51 -18.79
C CYS B 267 1.28 -22.28 -20.01
N ARG B 268 1.56 -21.57 -21.10
CA ARG B 268 1.99 -22.19 -22.34
C ARG B 268 3.24 -21.50 -22.86
N LEU B 269 4.15 -22.29 -23.40
CA LEU B 269 5.39 -21.79 -24.00
C LEU B 269 5.25 -21.89 -25.51
N PHE B 270 5.42 -20.76 -26.19
CA PHE B 270 5.28 -20.68 -27.64
C PHE B 270 6.62 -20.37 -28.28
N ASP B 271 6.93 -21.08 -29.36
CA ASP B 271 8.15 -20.85 -30.12
C ASP B 271 7.86 -19.96 -31.31
N LEU B 272 8.71 -18.95 -31.51
CA LEU B 272 8.50 -18.02 -32.61
C LEU B 272 8.75 -18.67 -33.95
N ARG B 273 9.82 -19.45 -34.07
CA ARG B 273 10.19 -20.04 -35.35
C ARG B 273 9.28 -21.21 -35.72
N ALA B 274 8.94 -22.06 -34.76
CA ALA B 274 8.03 -23.17 -35.03
C ALA B 274 6.58 -22.72 -35.12
N ASP B 275 6.28 -21.52 -34.62
CA ASP B 275 4.97 -20.86 -34.73
C ASP B 275 3.84 -21.66 -34.10
N GLN B 276 4.13 -22.39 -33.02
CA GLN B 276 3.09 -23.12 -32.31
C GLN B 276 3.52 -23.32 -30.86
N GLU B 277 2.75 -24.13 -30.13
CA GLU B 277 2.92 -24.31 -28.70
C GLU B 277 3.79 -25.53 -28.44
N LEU B 278 4.76 -25.38 -27.54
CA LEU B 278 5.70 -26.45 -27.23
C LEU B 278 5.35 -27.19 -25.94
N MET B 279 4.89 -26.48 -24.90
CA MET B 279 4.72 -27.10 -23.59
C MET B 279 3.66 -26.35 -22.81
N THR B 280 2.79 -27.10 -22.15
CA THR B 280 1.73 -26.56 -21.30
C THR B 280 2.09 -26.79 -19.83
N TYR B 281 2.07 -25.73 -19.04
CA TYR B 281 2.39 -25.79 -17.62
C TYR B 281 1.08 -25.76 -16.84
N SER B 282 0.53 -26.94 -16.59
CA SER B 282 -0.78 -27.08 -15.97
C SER B 282 -0.72 -28.11 -14.85
N HIS B 283 -1.62 -27.94 -13.88
CA HIS B 283 -1.80 -28.90 -12.80
C HIS B 283 -3.30 -29.04 -12.53
N ASP B 284 -3.69 -30.24 -12.10
CA ASP B 284 -5.09 -30.50 -11.80
C ASP B 284 -5.54 -29.86 -10.49
N ASN B 285 -4.61 -29.54 -9.60
CA ASN B 285 -4.94 -28.90 -8.33
C ASN B 285 -5.08 -27.39 -8.46
N ILE B 286 -4.84 -26.82 -9.63
CA ILE B 286 -4.94 -25.38 -9.85
C ILE B 286 -6.13 -25.13 -10.76
N ILE B 287 -7.09 -24.34 -10.27
CA ILE B 287 -8.30 -24.04 -11.03
C ILE B 287 -8.48 -22.54 -11.09
N CYS B 288 -7.37 -21.80 -10.98
CA CYS B 288 -7.40 -20.35 -10.92
C CYS B 288 -6.38 -19.79 -11.91
N GLY B 289 -6.63 -18.56 -12.35
CA GLY B 289 -5.87 -17.98 -13.43
C GLY B 289 -4.45 -17.58 -13.04
N ILE B 290 -3.74 -17.06 -14.04
CA ILE B 290 -2.36 -16.58 -13.88
C ILE B 290 -2.37 -15.08 -14.08
N THR B 291 -1.82 -14.34 -13.13
CA THR B 291 -1.76 -12.89 -13.20
C THR B 291 -0.43 -12.36 -13.75
N SER B 292 0.68 -13.01 -13.44
CA SER B 292 1.99 -12.54 -13.87
C SER B 292 2.90 -13.73 -14.14
N VAL B 293 3.68 -13.64 -15.21
CA VAL B 293 4.69 -14.64 -15.53
C VAL B 293 6.03 -13.95 -15.67
N SER B 294 7.10 -14.67 -15.32
CA SER B 294 8.45 -14.19 -15.54
C SER B 294 9.38 -15.39 -15.60
N PHE B 295 10.40 -15.29 -16.45
CA PHE B 295 11.41 -16.32 -16.62
C PHE B 295 12.62 -16.01 -15.75
N SER B 296 13.43 -17.04 -15.53
CA SER B 296 14.71 -16.87 -14.87
C SER B 296 15.73 -16.31 -15.86
N LYS B 297 16.93 -16.04 -15.37
CA LYS B 297 18.00 -15.54 -16.25
C LYS B 297 18.43 -16.61 -17.24
N SER B 298 18.49 -17.87 -16.80
CA SER B 298 18.86 -18.95 -17.70
C SER B 298 17.68 -19.45 -18.53
N GLY B 299 16.46 -19.10 -18.16
CA GLY B 299 15.29 -19.61 -18.82
C GLY B 299 14.82 -20.96 -18.33
N ARG B 300 15.51 -21.55 -17.35
CA ARG B 300 15.13 -22.88 -16.87
C ARG B 300 13.90 -22.84 -15.98
N LEU B 301 13.73 -21.78 -15.19
CA LEU B 301 12.61 -21.65 -14.28
C LEU B 301 11.62 -20.64 -14.81
N LEU B 302 10.35 -21.02 -14.88
CA LEU B 302 9.26 -20.12 -15.22
C LEU B 302 8.47 -19.85 -13.96
N LEU B 303 8.41 -18.60 -13.55
CA LEU B 303 7.72 -18.20 -12.32
C LEU B 303 6.39 -17.58 -12.69
N ALA B 304 5.30 -18.17 -12.22
CA ALA B 304 3.95 -17.72 -12.52
C ALA B 304 3.23 -17.36 -11.24
N GLY B 305 2.68 -16.15 -11.18
CA GLY B 305 1.91 -15.72 -10.04
C GLY B 305 0.42 -15.93 -10.25
N TYR B 306 -0.16 -16.77 -9.40
CA TYR B 306 -1.56 -17.15 -9.53
C TYR B 306 -2.40 -16.32 -8.57
N ASP B 307 -3.72 -16.52 -8.61
CA ASP B 307 -4.63 -15.87 -7.68
C ASP B 307 -5.22 -16.85 -6.66
N ASP B 308 -4.54 -17.97 -6.40
CA ASP B 308 -4.75 -18.73 -5.18
C ASP B 308 -3.71 -18.39 -4.12
N PHE B 309 -3.26 -17.14 -4.12
CA PHE B 309 -2.51 -16.42 -3.10
C PHE B 309 -1.03 -16.76 -3.10
N ASN B 310 -0.51 -17.49 -4.10
CA ASN B 310 0.89 -17.85 -4.10
C ASN B 310 1.41 -17.99 -5.53
N CYS B 311 2.73 -18.00 -5.65
CA CYS B 311 3.44 -18.16 -6.90
C CYS B 311 4.01 -19.57 -7.01
N ASN B 312 4.03 -20.09 -8.24
CA ASN B 312 4.49 -21.44 -8.52
C ASN B 312 5.69 -21.37 -9.45
N VAL B 313 6.74 -22.11 -9.11
CA VAL B 313 7.95 -22.18 -9.92
C VAL B 313 7.85 -23.44 -10.78
N TRP B 314 7.98 -23.25 -12.09
CA TRP B 314 7.84 -24.33 -13.06
C TRP B 314 9.17 -24.61 -13.72
N ASP B 315 9.44 -25.89 -13.99
CA ASP B 315 10.56 -26.25 -14.84
C ASP B 315 10.15 -26.04 -16.29
N ALA B 316 10.81 -25.10 -16.96
CA ALA B 316 10.39 -24.69 -18.29
C ALA B 316 10.65 -25.75 -19.35
N LEU B 317 11.52 -26.71 -19.08
CA LEU B 317 11.83 -27.75 -20.05
C LEU B 317 11.18 -29.09 -19.73
N LYS B 318 10.53 -29.23 -18.58
CA LYS B 318 9.95 -30.50 -18.18
C LYS B 318 8.52 -30.40 -17.67
N ALA B 319 7.97 -29.19 -17.53
CA ALA B 319 6.59 -28.94 -17.09
C ALA B 319 6.30 -29.57 -15.72
N ASP B 320 7.27 -29.46 -14.81
CA ASP B 320 7.13 -29.97 -13.46
C ASP B 320 7.32 -28.84 -12.47
N ARG B 321 6.50 -28.83 -11.43
CA ARG B 321 6.63 -27.81 -10.39
C ARG B 321 7.88 -28.05 -9.56
N ALA B 322 8.67 -26.99 -9.38
CA ALA B 322 9.89 -27.07 -8.60
C ALA B 322 9.80 -26.38 -7.24
N GLY B 323 8.82 -25.50 -7.05
CA GLY B 323 8.68 -24.82 -5.78
C GLY B 323 7.45 -23.95 -5.77
N VAL B 324 7.07 -23.54 -4.56
CA VAL B 324 5.92 -22.68 -4.34
C VAL B 324 6.39 -21.49 -3.52
N LEU B 325 6.08 -20.29 -3.99
CA LEU B 325 6.40 -19.05 -3.28
C LEU B 325 5.21 -18.58 -2.44
N ALA B 326 4.81 -19.43 -1.50
CA ALA B 326 3.74 -19.08 -0.59
C ALA B 326 4.20 -18.02 0.41
N GLY B 327 3.27 -17.18 0.84
CA GLY B 327 3.63 -16.08 1.71
C GLY B 327 2.82 -14.81 1.50
N HIS B 328 1.97 -14.80 0.49
CA HIS B 328 1.11 -13.66 0.21
C HIS B 328 -0.30 -13.96 0.68
N ASP B 329 -0.93 -12.98 1.34
CA ASP B 329 -2.24 -13.16 1.95
C ASP B 329 -3.36 -12.89 0.95
N ASN B 330 -3.04 -12.39 -0.24
CA ASN B 330 -4.06 -12.10 -1.24
C ASN B 330 -3.48 -12.47 -2.61
N ARG B 331 -4.18 -12.05 -3.66
CA ARG B 331 -3.83 -12.45 -5.02
C ARG B 331 -2.52 -11.80 -5.44
N VAL B 332 -1.58 -12.62 -5.92
CA VAL B 332 -0.28 -12.13 -6.38
C VAL B 332 -0.49 -11.52 -7.76
N SER B 333 -0.42 -10.19 -7.85
CA SER B 333 -0.75 -9.49 -9.07
C SER B 333 0.43 -9.17 -9.96
N CYS B 334 1.64 -9.12 -9.41
CA CYS B 334 2.79 -8.71 -10.19
C CYS B 334 4.05 -9.34 -9.61
N LEU B 335 4.90 -9.84 -10.50
CA LEU B 335 6.20 -10.33 -10.09
C LEU B 335 7.20 -10.10 -11.20
N GLY B 336 8.47 -9.97 -10.83
CA GLY B 336 9.51 -9.71 -11.78
C GLY B 336 10.84 -10.21 -11.29
N VAL B 337 11.69 -10.61 -12.23
CA VAL B 337 13.03 -11.11 -11.95
C VAL B 337 14.04 -10.06 -12.40
N THR B 338 15.06 -9.84 -11.58
CA THR B 338 16.06 -8.83 -11.86
C THR B 338 16.90 -9.19 -13.08
N ASP B 339 17.70 -8.23 -13.53
CA ASP B 339 18.53 -8.43 -14.72
C ASP B 339 19.64 -9.44 -14.47
N ASP B 340 20.22 -9.43 -13.27
CA ASP B 340 21.25 -10.39 -12.92
C ASP B 340 20.67 -11.70 -12.40
N GLY B 341 19.35 -11.79 -12.24
CA GLY B 341 18.72 -13.03 -11.81
C GLY B 341 18.90 -13.36 -10.35
N MET B 342 19.32 -12.38 -9.54
CA MET B 342 19.58 -12.65 -8.13
C MET B 342 18.29 -12.81 -7.33
N ALA B 343 17.31 -11.94 -7.58
CA ALA B 343 16.14 -11.86 -6.71
C ALA B 343 14.86 -11.83 -7.53
N VAL B 344 13.78 -12.30 -6.90
CA VAL B 344 12.43 -12.24 -7.44
C VAL B 344 11.58 -11.45 -6.46
N ALA B 345 10.95 -10.39 -6.94
CA ALA B 345 10.07 -9.57 -6.12
C ALA B 345 8.62 -9.81 -6.55
N THR B 346 7.78 -10.20 -5.61
CA THR B 346 6.37 -10.48 -5.87
C THR B 346 5.51 -9.45 -5.17
N GLY B 347 4.60 -8.83 -5.91
CA GLY B 347 3.61 -7.93 -5.35
C GLY B 347 2.24 -8.58 -5.35
N SER B 348 1.42 -8.16 -4.40
CA SER B 348 0.11 -8.79 -4.22
C SER B 348 -0.88 -7.75 -3.74
N TRP B 349 -2.13 -8.20 -3.56
CA TRP B 349 -3.22 -7.31 -3.19
C TRP B 349 -3.26 -7.00 -1.71
N ASP B 350 -2.39 -7.60 -0.90
CA ASP B 350 -2.30 -7.29 0.52
C ASP B 350 -1.32 -6.16 0.82
N SER B 351 -1.02 -5.33 -0.19
CA SER B 351 -0.22 -4.11 -0.06
C SER B 351 1.22 -4.39 0.38
N PHE B 352 1.77 -5.53 0.03
CA PHE B 352 3.14 -5.89 0.39
C PHE B 352 3.92 -6.35 -0.84
N LEU B 353 5.20 -6.03 -0.85
CA LEU B 353 6.15 -6.54 -1.84
C LEU B 353 7.18 -7.36 -1.10
N LYS B 354 7.44 -8.57 -1.58
CA LYS B 354 8.38 -9.49 -0.95
C LYS B 354 9.46 -9.87 -1.95
N ILE B 355 10.71 -9.78 -1.52
CA ILE B 355 11.86 -10.12 -2.36
C ILE B 355 12.34 -11.51 -1.97
N TRP B 356 12.43 -12.40 -2.95
CA TRP B 356 12.75 -13.80 -2.73
C TRP B 356 14.11 -14.12 -3.33
N ASN B 357 14.84 -15.01 -2.66
CA ASN B 357 16.17 -15.39 -3.09
C ASN B 357 16.55 -16.75 -2.52
N SER C 8 -16.45 -7.08 -43.02
CA SER C 8 -16.38 -6.22 -44.23
C SER C 8 -15.46 -6.86 -45.27
N ILE C 9 -15.59 -6.46 -46.54
CA ILE C 9 -14.71 -7.01 -47.62
C ILE C 9 -13.26 -6.76 -47.22
N ALA C 10 -12.93 -5.51 -46.88
CA ALA C 10 -11.55 -5.18 -46.46
C ALA C 10 -11.20 -5.91 -45.17
N GLN C 11 -12.15 -5.97 -44.22
CA GLN C 11 -11.90 -6.62 -42.92
C GLN C 11 -11.56 -8.10 -43.15
N ALA C 12 -12.38 -8.78 -43.96
CA ALA C 12 -12.14 -10.21 -44.27
C ALA C 12 -10.81 -10.34 -45.02
N ARG C 13 -10.56 -9.44 -45.97
CA ARG C 13 -9.28 -9.46 -46.74
C ARG C 13 -8.12 -9.25 -45.76
N LYS C 14 -8.29 -8.37 -44.79
CA LYS C 14 -7.22 -8.10 -43.78
C LYS C 14 -6.95 -9.40 -43.00
N LEU C 15 -8.01 -10.08 -42.57
CA LEU C 15 -7.84 -11.38 -41.86
C LEU C 15 -7.12 -12.36 -42.81
N VAL C 16 -7.58 -12.42 -44.06
CA VAL C 16 -6.94 -13.31 -45.07
C VAL C 16 -5.46 -12.95 -45.19
N GLU C 17 -5.15 -11.65 -45.19
CA GLU C 17 -3.75 -11.19 -45.33
C GLU C 17 -2.92 -11.73 -44.15
N GLN C 18 -3.44 -11.60 -42.92
CA GLN C 18 -2.72 -12.11 -41.72
C GLN C 18 -2.60 -13.64 -41.81
N LEU C 19 -3.67 -14.30 -42.23
CA LEU C 19 -3.62 -15.78 -42.41
C LEU C 19 -2.51 -16.09 -43.43
N LYS C 20 -2.43 -15.31 -44.49
CA LYS C 20 -1.34 -15.49 -45.49
C LYS C 20 0.01 -15.21 -44.82
N MET C 21 0.05 -14.22 -43.92
CA MET C 21 1.30 -13.93 -43.17
C MET C 21 1.71 -15.19 -42.41
N GLU C 22 0.74 -15.86 -41.77
CA GLU C 22 1.04 -17.12 -41.04
C GLU C 22 1.42 -18.20 -42.06
N ALA C 23 0.76 -18.21 -43.21
CA ALA C 23 1.03 -19.25 -44.24
C ALA C 23 2.48 -19.18 -44.71
N ASN C 24 2.94 -17.98 -45.06
CA ASN C 24 4.34 -17.82 -45.56
C ASN C 24 5.28 -17.64 -44.37
N ILE C 25 5.25 -18.57 -43.42
CA ILE C 25 6.16 -18.51 -42.23
C ILE C 25 6.97 -19.80 -42.17
N ASP C 26 8.28 -19.69 -41.97
CA ASP C 26 9.16 -20.90 -41.90
C ASP C 26 8.98 -21.55 -40.53
N ARG C 27 7.83 -22.19 -40.31
CA ARG C 27 7.58 -22.88 -39.02
C ARG C 27 8.61 -24.01 -38.87
N ILE C 28 9.44 -23.94 -37.83
CA ILE C 28 10.53 -24.95 -37.64
C ILE C 28 9.95 -26.18 -36.94
N LYS C 29 10.72 -27.28 -36.89
CA LYS C 29 10.27 -28.49 -36.17
C LYS C 29 10.26 -28.21 -34.67
N VAL C 30 9.30 -28.77 -33.94
CA VAL C 30 9.27 -28.61 -32.45
C VAL C 30 10.59 -29.13 -31.91
N SER C 31 11.16 -30.16 -32.55
CA SER C 31 12.44 -30.75 -32.09
C SER C 31 13.50 -29.66 -32.02
N LYS C 32 13.66 -28.88 -33.10
CA LYS C 32 14.69 -27.81 -33.13
C LYS C 32 14.42 -26.82 -31.99
N ALA C 33 13.17 -26.33 -31.88
CA ALA C 33 12.84 -25.35 -30.83
C ALA C 33 13.14 -25.94 -29.45
N ALA C 34 12.72 -27.19 -29.22
CA ALA C 34 12.93 -27.85 -27.91
C ALA C 34 14.43 -27.89 -27.60
N ALA C 35 15.24 -28.36 -28.55
CA ALA C 35 16.69 -28.48 -28.34
C ALA C 35 17.28 -27.10 -28.06
N ASP C 36 16.86 -26.09 -28.83
CA ASP C 36 17.41 -24.71 -28.68
C ASP C 36 17.11 -24.21 -27.26
N LEU C 37 15.87 -24.39 -26.79
CA LEU C 37 15.47 -23.92 -25.45
C LEU C 37 16.30 -24.69 -24.40
N MET C 38 16.43 -26.00 -24.57
CA MET C 38 17.22 -26.83 -23.61
C MET C 38 18.65 -26.29 -23.57
N ALA C 39 19.23 -26.03 -24.75
CA ALA C 39 20.62 -25.54 -24.83
C ALA C 39 20.75 -24.21 -24.09
N TYR C 40 19.79 -23.29 -24.30
CA TYR C 40 19.85 -21.96 -23.66
C TYR C 40 19.79 -22.12 -22.13
N CYS C 41 18.85 -22.93 -21.64
CA CYS C 41 18.71 -23.15 -20.18
C CYS C 41 20.01 -23.76 -19.63
N GLU C 42 20.61 -24.71 -20.38
CA GLU C 42 21.87 -25.34 -19.95
C GLU C 42 23.00 -24.30 -19.99
N ALA C 43 23.01 -23.44 -21.01
CA ALA C 43 24.10 -22.45 -21.17
C ALA C 43 24.12 -21.47 -20.00
N HIS C 44 22.96 -20.94 -19.60
CA HIS C 44 22.93 -19.90 -18.53
C HIS C 44 22.62 -20.54 -17.17
N ALA C 45 22.54 -21.88 -17.12
CA ALA C 45 22.19 -22.57 -15.86
C ALA C 45 23.15 -22.14 -14.74
N LYS C 46 24.45 -22.05 -15.06
CA LYS C 46 25.46 -21.63 -14.06
C LYS C 46 25.21 -20.16 -13.69
N GLU C 47 25.13 -19.28 -14.68
CA GLU C 47 24.87 -17.85 -14.42
C GLU C 47 23.37 -17.65 -14.15
N ASP C 48 22.82 -18.40 -13.20
CA ASP C 48 21.39 -18.27 -12.84
C ASP C 48 21.23 -18.45 -11.33
N PRO C 49 21.36 -17.37 -10.51
CA PRO C 49 21.27 -17.50 -9.06
C PRO C 49 20.06 -18.24 -8.47
N LEU C 50 18.90 -18.19 -9.11
CA LEU C 50 17.69 -18.87 -8.63
C LEU C 50 17.81 -20.38 -8.80
N LEU C 51 18.46 -20.83 -9.87
CA LEU C 51 18.62 -22.27 -10.09
C LEU C 51 19.71 -22.83 -9.17
N THR C 52 20.93 -22.32 -9.29
CA THR C 52 22.01 -22.69 -8.39
C THR C 52 22.20 -21.56 -7.39
N PRO C 53 21.88 -21.76 -6.10
CA PRO C 53 21.94 -20.67 -5.14
C PRO C 53 23.37 -20.25 -4.84
N VAL C 54 23.61 -18.95 -4.87
CA VAL C 54 24.92 -18.36 -4.60
C VAL C 54 25.18 -18.43 -3.09
N PRO C 55 26.44 -18.42 -2.65
CA PRO C 55 26.72 -18.34 -1.21
C PRO C 55 26.34 -16.99 -0.64
N ALA C 56 26.23 -16.95 0.69
CA ALA C 56 25.79 -15.74 1.38
C ALA C 56 26.80 -14.61 1.33
N SER C 57 28.06 -14.92 0.99
CA SER C 57 29.07 -13.86 0.85
C SER C 57 28.79 -13.01 -0.37
N GLU C 58 28.34 -13.62 -1.47
CA GLU C 58 28.06 -12.90 -2.71
C GLU C 58 26.58 -12.63 -2.91
N ASN C 59 25.75 -12.92 -1.90
CA ASN C 59 24.32 -12.67 -2.00
C ASN C 59 24.02 -11.23 -1.61
N PRO C 60 23.46 -10.42 -2.52
CA PRO C 60 23.14 -9.04 -2.16
C PRO C 60 22.01 -8.91 -1.14
N PHE C 61 21.15 -9.91 -1.01
CA PHE C 61 20.03 -9.89 -0.08
C PHE C 61 20.31 -10.91 1.01
N ARG C 62 20.83 -10.45 2.13
CA ARG C 62 21.15 -11.33 3.25
C ARG C 62 20.52 -10.83 4.54
N VAL D 2 17.10 27.95 -10.02
CA VAL D 2 17.58 27.65 -8.67
C VAL D 2 18.56 28.71 -8.21
N GLN D 3 18.24 29.37 -7.11
CA GLN D 3 19.14 30.37 -6.55
C GLN D 3 18.97 30.41 -5.04
N LEU D 4 20.09 30.50 -4.33
CA LEU D 4 20.11 30.67 -2.88
C LEU D 4 20.77 32.02 -2.60
N VAL D 5 19.97 33.00 -2.21
CA VAL D 5 20.45 34.35 -1.93
C VAL D 5 20.44 34.54 -0.42
N GLU D 6 21.62 34.77 0.15
CA GLU D 6 21.77 34.99 1.57
C GLU D 6 22.27 36.41 1.84
N SER D 7 21.71 37.01 2.89
CA SER D 7 22.02 38.38 3.27
C SER D 7 22.19 38.45 4.78
N GLY D 8 22.91 39.47 5.23
CA GLY D 8 23.25 39.66 6.62
C GLY D 8 24.73 39.86 6.79
N GLY D 9 25.17 39.85 8.04
CA GLY D 9 26.57 40.07 8.32
C GLY D 9 26.98 41.51 8.13
N GLY D 10 28.30 41.69 7.96
CA GLY D 10 28.86 43.02 7.83
C GLY D 10 29.97 43.28 8.84
N LEU D 11 29.88 44.39 9.55
CA LEU D 11 30.87 44.76 10.56
C LEU D 11 30.22 44.62 11.93
N VAL D 12 30.72 43.70 12.74
CA VAL D 12 30.22 43.48 14.10
C VAL D 12 31.39 43.54 15.08
N GLN D 13 31.09 43.96 16.30
CA GLN D 13 32.06 44.00 17.37
C GLN D 13 32.28 42.60 17.94
N PRO D 14 33.47 42.32 18.49
CA PRO D 14 33.68 41.02 19.14
C PRO D 14 32.81 40.84 20.37
N GLY D 15 32.34 39.62 20.56
CA GLY D 15 31.44 39.31 21.66
C GLY D 15 29.98 39.60 21.37
N GLY D 16 29.65 40.12 20.20
CA GLY D 16 28.29 40.46 19.85
C GLY D 16 27.54 39.29 19.25
N SER D 17 26.41 39.60 18.62
CA SER D 17 25.57 38.60 17.98
C SER D 17 25.04 39.15 16.67
N ARG D 18 24.84 38.25 15.71
CA ARG D 18 24.33 38.61 14.39
C ARG D 18 23.69 37.37 13.78
N LYS D 19 22.59 37.57 13.07
CA LYS D 19 21.85 36.48 12.45
C LYS D 19 21.99 36.54 10.94
N LEU D 20 22.31 35.41 10.34
CA LEU D 20 22.47 35.27 8.90
C LEU D 20 21.28 34.50 8.34
N SER D 21 20.67 35.04 7.29
CA SER D 21 19.48 34.45 6.69
C SER D 21 19.73 34.20 5.21
N CYS D 22 19.22 33.08 4.72
CA CYS D 22 19.33 32.72 3.31
C CYS D 22 17.95 32.44 2.75
N SER D 23 17.65 33.05 1.59
CA SER D 23 16.37 32.88 0.94
C SER D 23 16.52 31.97 -0.27
N ALA D 24 15.65 30.96 -0.36
CA ALA D 24 15.67 29.99 -1.44
C ALA D 24 14.47 30.20 -2.35
N SER D 25 14.72 30.15 -3.66
CA SER D 25 13.65 30.33 -4.64
C SER D 25 14.04 29.58 -5.91
N GLY D 26 13.33 28.51 -6.21
CA GLY D 26 13.57 27.78 -7.45
C GLY D 26 13.56 26.28 -7.29
N PHE D 27 13.39 25.79 -6.06
CA PHE D 27 13.43 24.36 -5.80
C PHE D 27 12.64 24.08 -4.53
N ALA D 28 12.36 22.79 -4.31
CA ALA D 28 11.68 22.36 -3.09
C ALA D 28 12.62 22.46 -1.91
N PHE D 29 12.41 23.45 -1.05
CA PHE D 29 13.29 23.68 0.09
C PHE D 29 13.13 22.63 1.17
N SER D 30 11.92 22.07 1.31
CA SER D 30 11.63 21.18 2.43
C SER D 30 12.30 19.82 2.25
N SER D 31 12.53 19.39 1.02
CA SER D 31 13.11 18.08 0.75
C SER D 31 14.62 18.10 0.66
N PHE D 32 15.24 19.25 0.89
CA PHE D 32 16.69 19.40 0.79
C PHE D 32 17.27 19.68 2.16
N GLY D 33 18.30 18.91 2.53
CA GLY D 33 19.11 19.27 3.67
C GLY D 33 19.96 20.49 3.36
N MET D 34 20.25 21.27 4.39
CA MET D 34 20.96 22.53 4.23
C MET D 34 22.24 22.52 5.03
N HIS D 35 23.27 23.17 4.50
CA HIS D 35 24.57 23.26 5.13
C HIS D 35 24.99 24.72 5.20
N TRP D 36 25.89 25.01 6.13
CA TRP D 36 26.59 26.28 6.19
C TRP D 36 28.08 25.98 6.07
N VAL D 37 28.72 26.58 5.07
CA VAL D 37 30.15 26.42 4.86
C VAL D 37 30.77 27.81 4.82
N ARG D 38 31.71 28.07 5.70
CA ARG D 38 32.39 29.36 5.75
C ARG D 38 33.78 29.24 5.16
N GLN D 39 34.32 30.39 4.76
CA GLN D 39 35.62 30.45 4.11
C GLN D 39 36.32 31.74 4.54
N ALA D 40 37.49 31.59 5.17
CA ALA D 40 38.28 32.71 5.63
C ALA D 40 38.78 33.51 4.43
N PRO D 41 39.09 34.81 4.62
CA PRO D 41 39.48 35.65 3.47
C PRO D 41 40.74 35.21 2.74
N GLU D 42 41.63 34.44 3.37
CA GLU D 42 42.78 33.91 2.69
C GLU D 42 42.88 32.39 2.73
N LYS D 43 42.08 31.72 3.54
CA LYS D 43 42.18 30.29 3.74
C LYS D 43 41.08 29.57 2.96
N GLY D 44 40.95 28.26 3.20
CA GLY D 44 40.02 27.43 2.47
C GLY D 44 38.68 27.29 3.14
N LEU D 45 37.93 26.28 2.72
CA LEU D 45 36.57 26.08 3.19
C LEU D 45 36.55 25.33 4.52
N GLU D 46 35.47 25.54 5.28
CA GLU D 46 35.32 24.93 6.59
C GLU D 46 33.84 24.74 6.88
N TRP D 47 33.46 23.51 7.20
CA TRP D 47 32.06 23.20 7.49
C TRP D 47 31.64 23.79 8.83
N VAL D 48 30.40 24.27 8.91
CA VAL D 48 29.92 24.95 10.12
C VAL D 48 28.77 24.17 10.76
N ALA D 49 27.69 23.97 10.02
CA ALA D 49 26.51 23.34 10.58
C ALA D 49 25.73 22.63 9.48
N TYR D 50 24.70 21.89 9.90
CA TYR D 50 23.86 21.14 8.97
C TYR D 50 22.50 20.92 9.63
N ILE D 51 21.43 21.15 8.87
CA ILE D 51 20.08 20.84 9.33
C ILE D 51 19.44 19.94 8.29
N SER D 52 18.81 18.87 8.74
CA SER D 52 18.25 17.89 7.83
C SER D 52 16.89 18.35 7.31
N SER D 53 16.36 17.60 6.34
CA SER D 53 14.99 17.78 5.94
C SER D 53 14.07 17.35 7.07
N GLY D 54 13.11 18.21 7.41
CA GLY D 54 12.27 17.97 8.56
C GLY D 54 12.86 18.42 9.88
N SER D 55 14.09 18.94 9.87
CA SER D 55 14.77 19.51 11.04
C SER D 55 14.93 18.51 12.17
N GLY D 56 15.10 17.23 11.84
CA GLY D 56 15.23 16.21 12.85
C GLY D 56 16.66 15.93 13.25
N THR D 57 17.60 16.23 12.37
CA THR D 57 19.02 16.00 12.61
C THR D 57 19.77 17.30 12.41
N ILE D 58 20.43 17.78 13.46
CA ILE D 58 21.22 19.00 13.43
C ILE D 58 22.61 18.69 13.95
N TYR D 59 23.62 19.04 13.16
CA TYR D 59 25.01 18.81 13.52
C TYR D 59 25.78 20.11 13.48
N TYR D 60 26.82 20.22 14.30
CA TYR D 60 27.64 21.42 14.38
C TYR D 60 29.11 21.04 14.36
N ALA D 61 29.94 21.98 13.92
CA ALA D 61 31.37 21.84 14.08
C ALA D 61 31.77 22.09 15.52
N ASP D 62 32.93 21.55 15.91
CA ASP D 62 33.40 21.71 17.28
C ASP D 62 33.82 23.13 17.60
N THR D 63 34.16 23.92 16.58
CA THR D 63 34.55 25.31 16.83
C THR D 63 33.33 26.17 17.17
N VAL D 64 32.19 25.87 16.58
CA VAL D 64 30.99 26.69 16.72
C VAL D 64 29.90 25.96 17.52
N LYS D 65 30.25 24.90 18.23
CA LYS D 65 29.28 24.15 19.01
C LYS D 65 28.94 24.91 20.29
N GLY D 66 27.65 25.03 20.59
CA GLY D 66 27.18 25.72 21.77
C GLY D 66 27.12 27.22 21.65
N ARG D 67 27.51 27.77 20.50
CA ARG D 67 27.48 29.20 20.27
C ARG D 67 26.82 29.60 18.95
N PHE D 68 26.64 28.68 18.02
CA PHE D 68 25.96 28.92 16.76
C PHE D 68 24.66 28.12 16.74
N THR D 69 23.61 28.71 16.19
CA THR D 69 22.32 28.04 16.08
C THR D 69 21.84 28.11 14.65
N ILE D 70 21.50 26.96 14.08
CA ILE D 70 21.03 26.86 12.70
C ILE D 70 19.56 26.44 12.71
N SER D 71 18.76 27.10 11.89
CA SER D 71 17.34 26.82 11.81
C SER D 71 16.85 27.11 10.40
N ARG D 72 15.71 26.54 10.05
CA ARG D 72 15.10 26.75 8.75
C ARG D 72 13.64 27.12 8.91
N ASP D 73 13.12 27.88 7.94
CA ASP D 73 11.73 28.27 7.87
C ASP D 73 11.17 27.70 6.56
N ASP D 74 10.62 26.49 6.64
CA ASP D 74 10.14 25.82 5.43
C ASP D 74 8.98 26.52 4.72
N PRO D 75 7.92 27.03 5.39
CA PRO D 75 6.92 27.80 4.63
C PRO D 75 7.46 29.08 4.01
N LYS D 76 8.43 29.74 4.64
CA LYS D 76 8.99 30.97 4.11
C LYS D 76 10.22 30.74 3.25
N ASN D 77 10.65 29.49 3.09
CA ASN D 77 11.82 29.10 2.28
C ASN D 77 13.08 29.82 2.73
N THR D 78 13.29 29.90 4.05
CA THR D 78 14.38 30.67 4.61
C THR D 78 15.21 29.80 5.55
N LEU D 79 16.53 29.94 5.48
CA LEU D 79 17.46 29.24 6.35
C LEU D 79 18.19 30.27 7.22
N PHE D 80 18.27 30.00 8.52
CA PHE D 80 18.82 30.94 9.48
C PHE D 80 20.08 30.37 10.14
N LEU D 81 21.00 31.27 10.49
CA LEU D 81 22.18 30.92 11.27
C LEU D 81 22.36 32.02 12.32
N GLN D 82 21.98 31.72 13.56
CA GLN D 82 22.13 32.66 14.67
C GLN D 82 23.49 32.46 15.31
N MET D 83 24.29 33.54 15.34
CA MET D 83 25.63 33.49 15.87
C MET D 83 25.69 34.25 17.19
N THR D 84 26.30 33.64 18.20
CA THR D 84 26.42 34.21 19.52
C THR D 84 27.87 34.10 19.97
N SER D 85 28.37 35.16 20.62
CA SER D 85 29.75 35.27 21.11
C SER D 85 30.75 35.12 19.98
N LEU D 86 30.70 36.08 19.05
CA LEU D 86 31.57 36.05 17.89
C LEU D 86 33.00 36.40 18.27
N ARG D 87 33.95 35.73 17.64
CA ARG D 87 35.36 36.02 17.78
C ARG D 87 35.91 36.53 16.45
N SER D 88 37.21 36.82 16.44
CA SER D 88 37.87 37.22 15.20
C SER D 88 38.16 36.04 14.28
N GLU D 89 38.01 34.82 14.76
CA GLU D 89 38.16 33.63 13.93
C GLU D 89 36.92 33.33 13.10
N ASP D 90 35.81 34.02 13.35
CA ASP D 90 34.58 33.85 12.58
C ASP D 90 34.50 34.80 11.40
N THR D 91 35.52 35.61 11.16
CA THR D 91 35.57 36.51 10.00
C THR D 91 35.74 35.68 8.75
N ALA D 92 34.65 35.51 8.00
CA ALA D 92 34.65 34.62 6.86
C ALA D 92 33.51 34.99 5.92
N MET D 93 33.48 34.34 4.77
CA MET D 93 32.36 34.41 3.84
C MET D 93 31.56 33.13 3.97
N TYR D 94 30.26 33.27 4.24
CA TYR D 94 29.41 32.15 4.62
C TYR D 94 28.55 31.74 3.43
N TYR D 95 28.52 30.44 3.15
CA TYR D 95 27.80 29.88 2.03
C TYR D 95 26.68 28.98 2.53
N CYS D 96 25.53 29.04 1.87
CA CYS D 96 24.44 28.10 2.11
C CYS D 96 24.46 27.05 1.01
N VAL D 97 24.51 25.78 1.43
CA VAL D 97 24.66 24.67 0.51
C VAL D 97 23.46 23.75 0.67
N ARG D 98 22.83 23.39 -0.44
CA ARG D 98 21.77 22.39 -0.41
C ARG D 98 22.35 21.01 -0.68
N SER D 99 21.71 20.00 -0.11
CA SER D 99 22.16 18.62 -0.27
C SER D 99 20.99 17.69 -0.05
N ILE D 100 20.68 16.87 -1.04
CA ILE D 100 19.64 15.86 -0.92
C ILE D 100 20.32 14.50 -0.81
N TYR D 101 19.67 13.58 -0.10
CA TYR D 101 20.27 12.30 0.23
C TYR D 101 19.29 11.17 -0.05
N TYR D 102 19.55 10.44 -1.13
CA TYR D 102 18.91 9.15 -1.38
C TYR D 102 19.89 8.31 -2.18
N TYR D 103 19.42 7.19 -2.71
CA TYR D 103 20.28 6.34 -3.52
C TYR D 103 20.52 6.99 -4.87
N GLY D 104 21.77 7.28 -5.19
CA GLY D 104 22.11 7.92 -6.44
C GLY D 104 21.97 9.42 -6.48
N SER D 105 21.82 10.06 -5.32
CA SER D 105 21.67 11.51 -5.27
C SER D 105 23.01 12.20 -5.48
N SER D 106 22.96 13.52 -5.64
CA SER D 106 24.14 14.36 -5.82
C SER D 106 24.14 15.43 -4.74
N PRO D 107 24.67 15.13 -3.56
CA PRO D 107 24.72 16.13 -2.50
C PRO D 107 25.74 17.23 -2.81
N PHE D 108 25.57 18.35 -2.10
CA PHE D 108 26.41 19.54 -2.23
C PHE D 108 26.41 20.08 -3.66
N ASP D 109 25.24 20.07 -4.29
CA ASP D 109 25.16 20.39 -5.71
C ASP D 109 25.13 21.89 -5.97
N PHE D 110 24.40 22.65 -5.16
CA PHE D 110 24.27 24.09 -5.38
C PHE D 110 24.75 24.86 -4.16
N TRP D 111 25.42 25.97 -4.41
CA TRP D 111 25.99 26.83 -3.37
C TRP D 111 25.48 28.24 -3.55
N GLY D 112 25.29 28.93 -2.42
CA GLY D 112 24.83 30.30 -2.45
C GLY D 112 25.92 31.29 -2.79
N GLN D 113 25.55 32.56 -2.81
CA GLN D 113 26.47 33.61 -3.24
C GLN D 113 27.53 33.90 -2.17
N GLY D 114 27.09 34.34 -1.00
CA GLY D 114 28.02 34.64 0.08
C GLY D 114 27.70 35.89 0.87
N THR D 115 27.96 35.85 2.17
CA THR D 115 27.83 36.99 3.05
C THR D 115 29.17 37.24 3.73
N THR D 116 29.67 38.47 3.62
CA THR D 116 30.95 38.83 4.22
C THR D 116 30.70 39.30 5.65
N LEU D 117 31.16 38.50 6.61
CA LEU D 117 31.08 38.84 8.03
C LEU D 117 32.48 39.25 8.49
N THR D 118 32.59 40.47 9.04
CA THR D 118 33.84 40.98 9.55
C THR D 118 33.70 41.28 11.03
N VAL D 119 34.62 40.73 11.83
CA VAL D 119 34.66 40.96 13.27
C VAL D 119 35.96 41.69 13.60
N SER D 120 35.85 42.83 14.26
CA SER D 120 37.01 43.63 14.59
C SER D 120 37.84 42.96 15.69
N SER D 121 39.14 43.24 15.67
CA SER D 121 40.06 42.67 16.64
C SER D 121 39.90 43.35 18.01
N SER D 136 39.92 13.03 16.34
CA SER D 136 39.10 11.98 15.77
C SER D 136 38.42 12.45 14.48
N ASP D 137 39.05 13.40 13.80
CA ASP D 137 38.54 13.94 12.56
C ASP D 137 39.44 13.52 11.41
N ILE D 138 38.83 13.29 10.26
CA ILE D 138 39.58 12.85 9.08
C ILE D 138 40.31 14.05 8.50
N VAL D 139 41.63 13.95 8.38
CA VAL D 139 42.45 15.03 7.87
C VAL D 139 42.67 14.78 6.38
N MET D 140 41.99 15.57 5.55
CA MET D 140 42.17 15.50 4.10
C MET D 140 43.36 16.35 3.71
N THR D 141 44.30 15.77 2.98
CA THR D 141 45.56 16.41 2.65
C THR D 141 45.71 16.52 1.14
N GLN D 142 45.93 17.74 0.67
CA GLN D 142 46.29 18.00 -0.72
C GLN D 142 47.66 18.67 -0.70
N ALA D 143 48.70 17.89 -0.97
CA ALA D 143 50.06 18.40 -0.86
C ALA D 143 50.39 19.41 -1.95
N THR D 144 49.85 19.22 -3.14
CA THR D 144 50.13 20.13 -4.25
C THR D 144 49.40 21.45 -4.04
N SER D 145 50.08 22.54 -4.39
CA SER D 145 49.50 23.88 -4.30
C SER D 145 50.15 24.77 -5.33
N SER D 146 49.33 25.51 -6.07
CA SER D 146 49.75 26.49 -7.09
C SER D 146 50.58 25.82 -8.19
N VAL D 147 49.98 24.85 -8.85
CA VAL D 147 50.63 24.16 -9.96
C VAL D 147 50.56 25.05 -11.21
N PRO D 148 51.68 25.28 -11.89
CA PRO D 148 51.65 26.04 -13.15
C PRO D 148 51.13 25.14 -14.27
N VAL D 149 50.06 25.59 -14.93
CA VAL D 149 49.36 24.77 -15.92
C VAL D 149 49.22 25.58 -17.21
N THR D 150 49.67 24.98 -18.35
CA THR D 150 49.38 25.47 -19.69
C THR D 150 48.11 24.83 -20.23
N PRO D 151 47.30 25.57 -20.99
CA PRO D 151 46.07 24.99 -21.53
C PRO D 151 46.34 23.90 -22.56
N GLY D 152 45.41 22.97 -22.65
CA GLY D 152 45.53 21.83 -23.54
C GLY D 152 46.25 20.63 -22.96
N GLU D 153 46.68 20.69 -21.71
CA GLU D 153 47.43 19.61 -21.08
C GLU D 153 46.50 18.80 -20.18
N SER D 154 47.09 17.86 -19.44
CA SER D 154 46.35 17.00 -18.50
C SER D 154 46.88 17.25 -17.10
N VAL D 155 45.95 17.47 -16.15
CA VAL D 155 46.28 17.79 -14.78
C VAL D 155 45.68 16.73 -13.87
N SER D 156 46.48 16.19 -12.96
CA SER D 156 46.05 15.18 -12.00
C SER D 156 46.21 15.74 -10.59
N ILE D 157 45.14 16.29 -10.04
CA ILE D 157 45.15 16.81 -8.69
C ILE D 157 44.93 15.65 -7.72
N SER D 158 45.85 15.48 -6.77
CA SER D 158 45.83 14.35 -5.87
C SER D 158 45.30 14.74 -4.50
N CYS D 159 44.60 13.80 -3.86
CA CYS D 159 44.05 13.99 -2.53
C CYS D 159 44.35 12.76 -1.69
N ARG D 160 44.67 12.98 -0.42
CA ARG D 160 45.00 11.90 0.50
C ARG D 160 44.14 12.04 1.75
N SER D 161 43.72 10.90 2.30
CA SER D 161 42.87 10.86 3.48
C SER D 161 43.55 10.11 4.60
N SER D 162 43.30 10.56 5.83
CA SER D 162 43.85 9.90 7.02
C SER D 162 43.07 8.66 7.41
N LYS D 163 41.90 8.43 6.81
CA LYS D 163 41.09 7.25 7.07
C LYS D 163 40.60 6.70 5.74
N SER D 164 40.32 5.41 5.71
CA SER D 164 39.81 4.77 4.49
C SER D 164 38.37 5.20 4.26
N LEU D 165 38.13 5.87 3.14
CA LEU D 165 36.80 6.40 2.83
C LEU D 165 35.90 5.38 2.16
N LEU D 166 36.40 4.16 1.92
CA LEU D 166 35.58 3.10 1.32
C LEU D 166 34.77 2.44 2.42
N HIS D 167 33.45 2.65 2.40
CA HIS D 167 32.57 2.05 3.37
C HIS D 167 32.32 0.57 3.01
N SER D 168 31.60 -0.11 3.91
CA SER D 168 31.27 -1.51 3.69
C SER D 168 30.21 -1.71 2.61
N ASN D 169 29.50 -0.66 2.22
CA ASN D 169 28.48 -0.75 1.18
C ASN D 169 29.04 -0.51 -0.21
N GLY D 170 30.35 -0.36 -0.36
CA GLY D 170 30.96 -0.15 -1.65
C GLY D 170 31.02 1.29 -2.11
N ASN D 171 30.66 2.24 -1.26
CA ASN D 171 30.66 3.65 -1.61
C ASN D 171 31.88 4.32 -1.00
N THR D 172 32.62 5.05 -1.84
CA THR D 172 33.73 5.88 -1.38
C THR D 172 33.27 7.32 -1.41
N TYR D 173 33.06 7.89 -0.24
CA TYR D 173 32.47 9.23 -0.11
C TYR D 173 33.55 10.28 -0.24
N LEU D 174 33.87 10.64 -1.49
CA LEU D 174 34.86 11.67 -1.76
C LEU D 174 34.27 12.69 -2.72
N TYR D 175 34.29 13.96 -2.34
CA TYR D 175 33.64 15.02 -3.09
C TYR D 175 34.69 16.00 -3.61
N TRP D 176 34.57 16.37 -4.88
CA TRP D 176 35.47 17.33 -5.51
C TRP D 176 34.69 18.59 -5.88
N PHE D 177 35.29 19.74 -5.60
CA PHE D 177 34.66 21.03 -5.85
C PHE D 177 35.64 21.93 -6.58
N LEU D 178 35.09 22.85 -7.38
CA LEU D 178 35.88 23.82 -8.12
C LEU D 178 35.37 25.21 -7.78
N GLN D 179 36.26 26.07 -7.27
CA GLN D 179 35.93 27.45 -6.95
C GLN D 179 36.66 28.36 -7.94
N ARG D 180 35.90 28.95 -8.86
CA ARG D 180 36.46 29.95 -9.73
C ARG D 180 36.69 31.24 -8.95
N PRO D 181 37.64 32.08 -9.37
CA PRO D 181 37.91 33.33 -8.64
C PRO D 181 36.72 34.29 -8.72
N GLY D 182 36.27 34.74 -7.55
CA GLY D 182 35.13 35.62 -7.44
C GLY D 182 33.78 34.94 -7.50
N GLN D 183 33.74 33.61 -7.48
CA GLN D 183 32.50 32.86 -7.59
C GLN D 183 32.39 31.88 -6.45
N SER D 184 31.20 31.33 -6.29
CA SER D 184 30.96 30.25 -5.34
C SER D 184 31.48 28.93 -5.90
N PRO D 185 31.94 28.02 -5.04
CA PRO D 185 32.40 26.72 -5.52
C PRO D 185 31.27 25.87 -6.10
N GLN D 186 31.64 25.06 -7.09
CA GLN D 186 30.70 24.24 -7.84
C GLN D 186 31.13 22.77 -7.77
N LEU D 187 30.16 21.89 -7.54
CA LEU D 187 30.45 20.48 -7.42
C LEU D 187 30.79 19.87 -8.78
N LEU D 188 31.89 19.13 -8.82
CA LEU D 188 32.31 18.41 -10.02
C LEU D 188 32.04 16.92 -9.95
N ILE D 189 32.46 16.28 -8.86
CA ILE D 189 32.37 14.83 -8.69
C ILE D 189 31.83 14.58 -7.29
N TYR D 190 30.68 13.89 -7.20
CA TYR D 190 30.05 13.78 -5.89
C TYR D 190 30.50 12.53 -5.15
N ARG D 191 30.27 11.35 -5.69
CA ARG D 191 30.93 10.18 -5.16
C ARG D 191 32.05 9.80 -6.12
N MET D 192 32.96 8.94 -5.65
CA MET D 192 34.16 8.62 -6.41
C MET D 192 33.80 8.00 -7.76
N SER D 193 34.26 8.67 -8.84
CA SER D 193 33.88 8.39 -10.22
C SER D 193 32.37 8.54 -10.43
N ASN D 194 31.88 9.76 -10.21
CA ASN D 194 30.49 10.13 -10.50
C ASN D 194 30.48 11.60 -10.92
N LEU D 195 30.43 11.84 -12.22
CA LEU D 195 30.41 13.20 -12.75
C LEU D 195 29.07 13.86 -12.48
N ALA D 196 29.09 15.10 -12.03
CA ALA D 196 27.88 15.82 -11.67
C ALA D 196 27.20 16.40 -12.89
N SER D 197 25.95 16.83 -12.71
CA SER D 197 25.19 17.41 -13.80
C SER D 197 25.72 18.78 -14.18
N GLY D 198 25.81 19.03 -15.49
CA GLY D 198 26.35 20.28 -15.99
C GLY D 198 27.86 20.34 -16.03
N VAL D 199 28.55 19.27 -15.69
CA VAL D 199 30.01 19.22 -15.70
C VAL D 199 30.44 18.52 -16.99
N PRO D 200 31.38 19.07 -17.74
CA PRO D 200 31.85 18.40 -18.96
C PRO D 200 32.60 17.11 -18.66
N ASP D 201 32.64 16.25 -19.67
CA ASP D 201 33.19 14.89 -19.54
C ASP D 201 34.70 14.86 -19.44
N ARG D 202 35.39 16.00 -19.54
CA ARG D 202 36.83 16.00 -19.39
C ARG D 202 37.26 15.66 -17.96
N PHE D 203 36.48 16.06 -16.97
CA PHE D 203 36.80 15.74 -15.59
C PHE D 203 36.53 14.26 -15.30
N SER D 204 37.41 13.64 -14.51
CA SER D 204 37.23 12.26 -14.10
C SER D 204 37.93 12.07 -12.77
N GLY D 205 37.49 11.05 -12.03
CA GLY D 205 38.05 10.78 -10.72
C GLY D 205 38.22 9.31 -10.43
N SER D 206 39.32 8.97 -9.76
CA SER D 206 39.61 7.58 -9.42
C SER D 206 40.43 7.54 -8.14
N GLY D 207 40.42 6.38 -7.52
CA GLY D 207 41.15 6.18 -6.28
C GLY D 207 40.75 4.89 -5.62
N SER D 208 41.44 4.59 -4.52
CA SER D 208 41.17 3.35 -3.80
C SER D 208 41.61 3.53 -2.36
N GLY D 209 40.63 3.68 -1.46
CA GLY D 209 40.95 3.74 -0.05
C GLY D 209 41.25 5.13 0.46
N THR D 210 42.54 5.48 0.55
CA THR D 210 42.96 6.76 1.06
C THR D 210 43.58 7.68 0.02
N ALA D 211 44.03 7.14 -1.11
CA ALA D 211 44.69 7.93 -2.14
C ALA D 211 43.74 8.12 -3.32
N PHE D 212 43.63 9.36 -3.79
CA PHE D 212 42.68 9.71 -4.83
C PHE D 212 43.34 10.65 -5.84
N THR D 213 42.68 10.80 -6.98
CA THR D 213 43.13 11.71 -8.01
C THR D 213 41.92 12.24 -8.78
N LEU D 214 42.10 13.44 -9.34
CA LEU D 214 41.11 14.08 -10.19
C LEU D 214 41.79 14.43 -11.50
N THR D 215 41.39 13.79 -12.58
CA THR D 215 42.05 13.91 -13.87
C THR D 215 41.22 14.78 -14.80
N ILE D 216 41.87 15.77 -15.41
CA ILE D 216 41.28 16.60 -16.46
C ILE D 216 41.98 16.27 -17.76
N SER D 217 41.21 15.97 -18.81
CA SER D 217 41.80 15.52 -20.06
C SER D 217 42.48 16.66 -20.79
N ARG D 218 41.72 17.66 -21.19
CA ARG D 218 42.27 18.92 -21.70
C ARG D 218 41.44 20.05 -21.13
N LEU D 219 42.10 21.14 -20.74
CA LEU D 219 41.46 22.17 -19.95
C LEU D 219 41.55 23.52 -20.65
N GLU D 220 40.44 24.25 -20.62
CA GLU D 220 40.35 25.59 -21.18
C GLU D 220 40.69 26.61 -20.10
N ALA D 221 40.38 27.87 -20.37
CA ALA D 221 40.52 28.92 -19.37
C ALA D 221 39.33 29.00 -18.43
N GLU D 222 38.30 28.19 -18.66
CA GLU D 222 37.15 28.18 -17.76
C GLU D 222 37.46 27.46 -16.45
N ASP D 223 38.16 26.34 -16.52
CA ASP D 223 38.46 25.55 -15.33
C ASP D 223 39.84 25.87 -14.78
N VAL D 224 39.99 27.11 -14.33
CA VAL D 224 41.13 27.53 -13.52
C VAL D 224 40.56 28.09 -12.22
N GLY D 225 41.18 27.71 -11.11
CA GLY D 225 40.68 28.10 -9.81
C GLY D 225 41.28 27.21 -8.73
N VAL D 226 40.54 27.09 -7.63
CA VAL D 226 40.98 26.34 -6.46
C VAL D 226 40.11 25.10 -6.36
N TYR D 227 40.75 23.93 -6.37
CA TYR D 227 40.07 22.65 -6.34
C TYR D 227 40.12 22.07 -4.94
N TYR D 228 38.96 21.70 -4.41
CA TYR D 228 38.84 21.28 -3.02
C TYR D 228 38.44 19.82 -2.92
N CYS D 229 38.79 19.21 -1.80
CA CYS D 229 38.57 17.79 -1.53
C CYS D 229 37.73 17.68 -0.26
N MET D 230 36.64 16.93 -0.32
CA MET D 230 35.74 16.80 0.82
C MET D 230 35.36 15.35 1.03
N GLN D 231 35.17 14.98 2.28
CA GLN D 231 34.72 13.65 2.67
C GLN D 231 33.32 13.75 3.28
N HIS D 232 32.50 12.74 3.00
CA HIS D 232 31.18 12.63 3.59
C HIS D 232 31.00 11.28 4.27
N LEU D 233 32.11 10.68 4.70
CA LEU D 233 32.05 9.41 5.41
C LEU D 233 31.40 9.58 6.78
N GLU D 234 31.84 10.58 7.54
CA GLU D 234 31.23 10.87 8.83
C GLU D 234 31.47 12.34 9.16
N TYR D 235 30.62 12.85 10.04
CA TYR D 235 30.71 14.24 10.47
C TYR D 235 31.93 14.42 11.37
N PRO D 236 32.56 15.62 11.37
CA PRO D 236 32.13 16.91 10.83
C PRO D 236 32.61 17.35 9.44
N LEU D 237 32.70 16.49 8.43
CA LEU D 237 32.91 16.86 7.01
C LEU D 237 34.09 17.81 6.82
N THR D 238 35.28 17.33 7.15
CA THR D 238 36.47 18.15 6.98
C THR D 238 36.85 18.24 5.51
N PHE D 239 37.22 19.44 5.08
CA PHE D 239 37.67 19.69 3.73
C PHE D 239 39.18 19.45 3.64
N GLY D 240 39.78 19.86 2.53
CA GLY D 240 41.21 19.92 2.42
C GLY D 240 41.63 21.28 1.92
N ALA D 241 42.89 21.61 2.14
CA ALA D 241 43.45 22.84 1.59
C ALA D 241 43.49 22.74 0.08
N GLY D 242 43.01 23.78 -0.60
CA GLY D 242 42.78 23.68 -2.02
C GLY D 242 44.06 23.69 -2.82
N THR D 243 43.98 23.12 -4.02
CA THR D 243 45.09 23.12 -4.98
C THR D 243 44.77 24.14 -6.06
N LYS D 244 45.47 25.27 -6.03
CA LYS D 244 45.24 26.31 -7.02
C LYS D 244 45.84 25.94 -8.36
N LEU D 245 45.14 26.30 -9.43
CA LEU D 245 45.63 26.14 -10.80
C LEU D 245 45.67 27.50 -11.46
N GLU D 246 46.87 27.97 -11.77
CA GLU D 246 47.08 29.25 -12.42
C GLU D 246 47.56 29.03 -13.84
N LEU D 247 47.18 29.94 -14.73
CA LEU D 247 47.54 29.84 -16.14
C LEU D 247 48.99 30.25 -16.37
N MET E 152 -25.79 -24.24 59.25
CA MET E 152 -26.19 -23.15 58.37
C MET E 152 -24.99 -22.52 57.70
N GLY E 153 -23.94 -22.26 58.48
CA GLY E 153 -22.72 -21.70 57.91
C GLY E 153 -22.00 -22.68 57.00
N GLY E 154 -21.98 -23.96 57.37
CA GLY E 154 -21.24 -24.94 56.60
C GLY E 154 -21.83 -25.20 55.22
N VAL E 155 -23.17 -25.27 55.13
CA VAL E 155 -23.81 -25.51 53.84
C VAL E 155 -23.64 -24.30 52.92
N ILE E 156 -23.70 -23.08 53.47
CA ILE E 156 -23.47 -21.89 52.67
C ILE E 156 -22.01 -21.82 52.21
N LYS E 157 -21.08 -22.21 53.08
CA LYS E 157 -19.68 -22.26 52.71
C LYS E 157 -19.42 -23.27 51.59
N SER E 158 -20.06 -24.44 51.68
CA SER E 158 -19.91 -25.46 50.64
C SER E 158 -20.54 -25.00 49.32
N ILE E 159 -21.68 -24.31 49.39
CA ILE E 159 -22.34 -23.81 48.19
C ILE E 159 -21.47 -22.75 47.51
N PHE E 160 -20.89 -21.84 48.30
CA PHE E 160 -20.01 -20.83 47.72
C PHE E 160 -18.71 -21.43 47.20
N THR E 161 -18.20 -22.48 47.85
CA THR E 161 -17.04 -23.19 47.33
C THR E 161 -17.34 -23.82 45.97
N PHE E 162 -18.53 -24.44 45.84
CA PHE E 162 -18.95 -25.02 44.57
C PHE E 162 -19.10 -23.95 43.50
N VAL E 163 -19.68 -22.80 43.86
CA VAL E 163 -19.83 -21.68 42.93
C VAL E 163 -18.47 -21.17 42.47
N LEU E 164 -17.52 -21.07 43.40
CA LEU E 164 -16.18 -20.58 43.07
C LEU E 164 -15.44 -21.55 42.15
N ILE E 165 -15.59 -22.86 42.39
CA ILE E 165 -14.97 -23.85 41.52
C ILE E 165 -15.58 -23.79 40.11
N VAL E 166 -16.91 -23.69 40.03
CA VAL E 166 -17.58 -23.62 38.73
C VAL E 166 -17.16 -22.38 37.96
N GLU E 167 -17.13 -21.22 38.63
CA GLU E 167 -16.74 -20.00 37.93
C GLU E 167 -15.25 -19.92 37.66
N PHE E 168 -14.41 -20.61 38.43
CA PHE E 168 -13.00 -20.75 38.08
C PHE E 168 -12.84 -21.54 36.79
N ILE E 169 -13.58 -22.65 36.66
CA ILE E 169 -13.54 -23.46 35.44
C ILE E 169 -14.06 -22.65 34.26
N ILE E 170 -15.16 -21.92 34.46
CA ILE E 170 -15.77 -21.13 33.39
C ILE E 170 -14.82 -20.01 32.94
N GLY E 171 -14.22 -19.30 33.90
CA GLY E 171 -13.31 -18.22 33.55
C GLY E 171 -12.05 -18.70 32.88
N ASN E 172 -11.47 -19.80 33.37
CA ASN E 172 -10.30 -20.38 32.73
C ASN E 172 -10.60 -20.82 31.31
N LEU E 173 -11.73 -21.53 31.12
CA LEU E 173 -12.11 -22.00 29.80
C LEU E 173 -12.38 -20.85 28.83
N GLY E 174 -13.12 -19.84 29.27
CA GLY E 174 -13.48 -18.73 28.39
C GLY E 174 -12.30 -17.86 28.00
N ASN E 175 -11.49 -17.47 28.99
CA ASN E 175 -10.36 -16.60 28.69
C ASN E 175 -9.25 -17.36 27.97
N SER E 176 -9.05 -18.63 28.30
CA SER E 176 -8.11 -19.45 27.55
C SER E 176 -8.58 -19.65 26.12
N PHE E 177 -9.88 -19.79 25.91
CA PHE E 177 -10.43 -19.90 24.56
C PHE E 177 -10.17 -18.62 23.76
N ILE E 178 -10.42 -17.46 24.37
CA ILE E 178 -10.22 -16.19 23.67
C ILE E 178 -8.75 -16.01 23.29
N ALA E 179 -7.86 -16.16 24.28
CA ALA E 179 -6.43 -15.95 24.03
C ALA E 179 -5.86 -17.00 23.09
N LEU E 180 -6.34 -18.25 23.25
CA LEU E 180 -5.87 -19.36 22.37
C LEU E 180 -6.27 -19.06 20.93
N VAL E 181 -7.57 -18.81 20.70
CA VAL E 181 -8.04 -18.56 19.33
C VAL E 181 -7.25 -17.42 18.70
N ASN E 182 -7.02 -16.34 19.46
CA ASN E 182 -6.22 -15.23 18.93
C ASN E 182 -4.78 -15.64 18.66
N CYS E 183 -4.20 -16.49 19.52
CA CYS E 183 -2.83 -16.93 19.31
C CYS E 183 -2.71 -17.89 18.13
N ILE E 184 -3.68 -18.80 17.95
CA ILE E 184 -3.68 -19.70 16.81
C ILE E 184 -3.82 -18.92 15.51
N ASP E 185 -4.73 -17.95 15.47
CA ASP E 185 -4.87 -17.16 14.26
C ASP E 185 -3.71 -16.18 14.07
N TRP E 186 -2.95 -15.87 15.13
CA TRP E 186 -1.74 -15.09 14.94
C TRP E 186 -0.61 -15.93 14.34
N VAL E 187 -0.43 -17.17 14.83
CA VAL E 187 0.68 -17.98 14.33
C VAL E 187 0.37 -18.54 12.94
N LYS E 188 -0.90 -18.82 12.64
CA LYS E 188 -1.23 -19.43 11.35
C LYS E 188 -1.56 -18.36 10.30
N GLY E 189 -0.73 -17.34 10.21
CA GLY E 189 -0.74 -16.36 9.13
C GLY E 189 -2.04 -15.63 8.85
N ARG E 190 -2.74 -15.16 9.87
CA ARG E 190 -4.04 -14.52 9.68
C ARG E 190 -4.04 -13.16 10.35
N LYS E 191 -4.93 -12.29 9.88
CA LYS E 191 -4.97 -10.92 10.37
C LYS E 191 -5.53 -10.84 11.78
N ILE E 192 -5.02 -9.88 12.54
CA ILE E 192 -5.46 -9.60 13.90
C ILE E 192 -5.89 -8.15 13.96
N SER E 193 -7.13 -7.90 14.36
CA SER E 193 -7.63 -6.54 14.48
C SER E 193 -7.27 -5.97 15.85
N SER E 194 -7.44 -4.65 15.98
CA SER E 194 -7.11 -3.98 17.24
C SER E 194 -8.10 -4.34 18.34
N VAL E 195 -9.37 -4.56 17.98
CA VAL E 195 -10.34 -5.10 18.93
C VAL E 195 -9.90 -6.46 19.43
N ASP E 196 -9.32 -7.26 18.54
CA ASP E 196 -8.87 -8.58 18.92
C ASP E 196 -7.65 -8.52 19.82
N ARG E 197 -6.80 -7.50 19.64
CA ARG E 197 -5.67 -7.30 20.54
C ARG E 197 -6.12 -6.85 21.92
N ILE E 198 -7.11 -5.95 22.00
CA ILE E 198 -7.66 -5.58 23.29
C ILE E 198 -8.33 -6.78 23.96
N LEU E 199 -9.00 -7.61 23.17
CA LEU E 199 -9.66 -8.80 23.70
C LEU E 199 -8.66 -9.81 24.23
N THR E 200 -7.53 -10.00 23.54
CA THR E 200 -6.56 -10.96 24.05
C THR E 200 -5.78 -10.41 25.25
N ALA E 201 -5.61 -9.09 25.33
CA ALA E 201 -5.04 -8.50 26.55
C ALA E 201 -5.98 -8.70 27.73
N LEU E 202 -7.29 -8.50 27.50
CA LEU E 202 -8.28 -8.76 28.55
C LEU E 202 -8.29 -10.23 28.96
N ALA E 203 -8.15 -11.14 27.99
CA ALA E 203 -8.13 -12.56 28.29
C ALA E 203 -6.93 -12.94 29.15
N ILE E 204 -5.74 -12.41 28.82
CA ILE E 204 -4.54 -12.69 29.62
C ILE E 204 -4.68 -12.12 31.03
N SER E 205 -5.19 -10.88 31.14
CA SER E 205 -5.40 -10.27 32.45
C SER E 205 -6.38 -11.06 33.29
N ARG E 206 -7.45 -11.56 32.66
CA ARG E 206 -8.45 -12.30 33.42
C ARG E 206 -8.01 -13.71 33.78
N ILE E 207 -7.17 -14.34 32.95
CA ILE E 207 -6.52 -15.60 33.37
C ILE E 207 -5.66 -15.36 34.60
N SER E 208 -4.88 -14.28 34.59
CA SER E 208 -4.04 -13.95 35.74
C SER E 208 -4.88 -13.69 36.99
N LEU E 209 -6.00 -12.97 36.83
CA LEU E 209 -6.85 -12.65 37.98
C LEU E 209 -7.56 -13.89 38.53
N VAL E 210 -8.10 -14.75 37.65
CA VAL E 210 -8.84 -15.91 38.14
C VAL E 210 -7.89 -16.92 38.76
N TRP E 211 -6.67 -17.07 38.21
CA TRP E 211 -5.69 -17.94 38.84
C TRP E 211 -5.17 -17.35 40.14
N LEU E 212 -5.12 -16.03 40.23
CA LEU E 212 -4.72 -15.37 41.47
C LEU E 212 -5.72 -15.65 42.59
N ILE E 213 -7.02 -15.48 42.30
CA ILE E 213 -8.02 -15.65 43.35
C ILE E 213 -8.18 -17.14 43.70
N PHE E 214 -8.07 -18.03 42.72
CA PHE E 214 -8.13 -19.46 43.04
C PHE E 214 -6.88 -19.90 43.82
N GLY E 215 -5.72 -19.35 43.51
CA GLY E 215 -4.54 -19.65 44.30
C GLY E 215 -4.63 -19.11 45.72
N SER E 216 -5.26 -17.94 45.87
CA SER E 216 -5.52 -17.40 47.21
C SER E 216 -6.45 -18.32 48.00
N TRP E 217 -7.50 -18.84 47.35
CA TRP E 217 -8.39 -19.79 48.02
C TRP E 217 -7.67 -21.09 48.35
N CYS E 218 -6.80 -21.57 47.46
CA CYS E 218 -6.07 -22.81 47.71
C CYS E 218 -5.08 -22.64 48.86
N VAL E 219 -4.42 -21.48 48.94
CA VAL E 219 -3.53 -21.20 50.07
C VAL E 219 -4.33 -21.10 51.36
N SER E 220 -5.50 -20.45 51.32
CA SER E 220 -6.33 -20.31 52.51
C SER E 220 -6.84 -21.65 53.01
N VAL E 221 -7.14 -22.57 52.09
CA VAL E 221 -7.67 -23.87 52.49
C VAL E 221 -6.55 -24.79 52.96
N PHE E 222 -5.48 -24.91 52.16
CA PHE E 222 -4.45 -25.90 52.47
C PHE E 222 -3.53 -25.44 53.59
N PHE E 223 -3.18 -24.15 53.63
CA PHE E 223 -2.25 -23.61 54.61
C PHE E 223 -2.87 -22.38 55.27
N PRO E 224 -3.77 -22.57 56.23
CA PRO E 224 -4.31 -21.39 56.95
C PRO E 224 -3.28 -20.69 57.81
N ALA E 225 -2.25 -21.40 58.28
CA ALA E 225 -1.18 -20.76 59.04
C ALA E 225 -0.37 -19.81 58.17
N LEU E 226 -0.08 -20.21 56.93
CA LEU E 226 0.56 -19.30 55.99
C LEU E 226 -0.38 -18.20 55.54
N PHE E 227 -1.67 -18.49 55.48
CA PHE E 227 -2.66 -17.52 55.02
C PHE E 227 -2.93 -16.45 56.07
N ALA E 228 -2.71 -16.75 57.35
CA ALA E 228 -2.98 -15.81 58.43
C ALA E 228 -1.90 -14.76 58.61
N THR E 229 -0.73 -14.93 57.99
CA THR E 229 0.35 -13.96 58.14
C THR E 229 0.01 -12.67 57.42
N GLU E 230 0.46 -11.54 57.99
CA GLU E 230 0.16 -10.23 57.42
C GLU E 230 0.96 -9.94 56.15
N LYS E 231 2.13 -10.57 55.98
CA LYS E 231 2.91 -10.36 54.77
C LYS E 231 2.19 -10.95 53.56
N MET E 232 1.65 -12.16 53.70
CA MET E 232 0.87 -12.76 52.62
C MET E 232 -0.41 -11.96 52.37
N PHE E 233 -1.01 -11.43 53.44
CA PHE E 233 -2.22 -10.60 53.32
C PHE E 233 -1.95 -9.35 52.49
N ARG E 234 -0.89 -8.61 52.83
CA ARG E 234 -0.53 -7.41 52.10
C ARG E 234 -0.13 -7.71 50.67
N MET E 235 0.64 -8.79 50.47
CA MET E 235 1.09 -9.15 49.13
C MET E 235 -0.09 -9.53 48.23
N LEU E 236 -1.01 -10.35 48.74
CA LEU E 236 -2.18 -10.75 47.97
C LEU E 236 -3.07 -9.56 47.65
N THR E 237 -3.28 -8.68 48.63
CA THR E 237 -4.15 -7.52 48.39
C THR E 237 -3.55 -6.57 47.35
N ASN E 238 -2.23 -6.31 47.42
CA ASN E 238 -1.61 -5.39 46.48
C ASN E 238 -1.54 -5.99 45.07
N ILE E 239 -1.18 -7.27 44.96
CA ILE E 239 -1.11 -7.90 43.64
C ILE E 239 -2.50 -7.98 43.02
N TRP E 240 -3.52 -8.30 43.82
CA TRP E 240 -4.89 -8.31 43.31
C TRP E 240 -5.33 -6.93 42.85
N THR E 241 -5.04 -5.88 43.62
CA THR E 241 -5.56 -4.58 43.22
C THR E 241 -4.85 -4.04 41.98
N VAL E 242 -3.56 -4.36 41.80
CA VAL E 242 -2.87 -3.95 40.58
C VAL E 242 -3.45 -4.68 39.36
N ILE E 243 -3.55 -6.02 39.45
CA ILE E 243 -4.01 -6.81 38.31
C ILE E 243 -5.48 -6.49 37.99
N ASN E 244 -6.31 -6.33 39.02
CA ASN E 244 -7.72 -6.04 38.82
C ASN E 244 -7.93 -4.64 38.27
N HIS E 245 -7.13 -3.66 38.70
CA HIS E 245 -7.22 -2.32 38.13
C HIS E 245 -6.93 -2.35 36.64
N PHE E 246 -5.85 -3.05 36.25
CA PHE E 246 -5.50 -3.11 34.84
C PHE E 246 -6.54 -3.87 34.03
N SER E 247 -7.12 -4.92 34.60
CA SER E 247 -8.13 -5.71 33.89
C SER E 247 -9.42 -4.92 33.67
N VAL E 248 -9.94 -4.28 34.72
CA VAL E 248 -11.18 -3.53 34.58
C VAL E 248 -10.99 -2.30 33.72
N TRP E 249 -9.81 -1.66 33.77
CA TRP E 249 -9.59 -0.55 32.86
C TRP E 249 -9.32 -0.99 31.42
N LEU E 250 -8.84 -2.23 31.18
CA LEU E 250 -8.85 -2.75 29.83
C LEU E 250 -10.25 -3.00 29.32
N ALA E 251 -11.16 -3.46 30.18
CA ALA E 251 -12.56 -3.60 29.78
C ALA E 251 -13.18 -2.25 29.43
N THR E 252 -12.89 -1.23 30.24
CA THR E 252 -13.36 0.12 29.93
C THR E 252 -12.71 0.69 28.67
N GLY E 253 -11.45 0.32 28.41
CA GLY E 253 -10.82 0.73 27.16
C GLY E 253 -11.46 0.08 25.94
N LEU E 254 -11.87 -1.19 26.06
CA LEU E 254 -12.61 -1.84 24.99
C LEU E 254 -13.96 -1.17 24.77
N GLY E 255 -14.64 -0.80 25.86
CA GLY E 255 -15.89 -0.07 25.73
C GLY E 255 -15.71 1.30 25.11
N THR E 256 -14.62 1.99 25.44
CA THR E 256 -14.30 3.27 24.84
C THR E 256 -13.99 3.13 23.35
N PHE E 257 -13.31 2.04 22.98
CA PHE E 257 -13.07 1.73 21.57
C PHE E 257 -14.37 1.54 20.82
N TYR E 258 -15.30 0.77 21.41
CA TYR E 258 -16.60 0.55 20.80
C TYR E 258 -17.37 1.86 20.64
N PHE E 259 -17.37 2.69 21.69
CA PHE E 259 -18.12 3.94 21.66
C PHE E 259 -17.54 4.92 20.66
N LEU E 260 -16.22 5.04 20.60
CA LEU E 260 -15.62 6.00 19.67
C LEU E 260 -15.69 5.53 18.24
N LYS E 261 -15.58 4.22 18.00
CA LYS E 261 -15.61 3.69 16.65
C LYS E 261 -17.04 3.66 16.08
N ILE E 262 -18.04 3.39 16.91
CA ILE E 262 -19.40 3.14 16.42
C ILE E 262 -20.26 4.39 16.44
N ALA E 263 -20.26 5.13 17.55
CA ALA E 263 -21.24 6.18 17.77
C ALA E 263 -21.00 7.37 16.85
N ASN E 264 -22.07 8.16 16.65
CA ASN E 264 -22.10 9.23 15.66
C ASN E 264 -22.73 10.46 16.31
N PHE E 265 -21.90 11.37 16.80
CA PHE E 265 -22.36 12.63 17.35
C PHE E 265 -21.73 13.78 16.57
N SER E 266 -22.39 14.93 16.60
CA SER E 266 -21.96 16.08 15.82
C SER E 266 -21.08 17.04 16.61
N ASN E 267 -20.70 16.69 17.84
CA ASN E 267 -19.89 17.57 18.64
C ASN E 267 -18.45 17.59 18.14
N SER E 268 -17.77 18.71 18.39
CA SER E 268 -16.38 18.85 17.94
C SER E 268 -15.43 18.03 18.79
N ILE E 269 -15.66 18.00 20.11
CA ILE E 269 -14.80 17.23 21.01
C ILE E 269 -14.97 15.74 20.76
N PHE E 270 -16.19 15.30 20.47
CA PHE E 270 -16.42 13.89 20.17
C PHE E 270 -15.71 13.48 18.89
N LEU E 271 -15.74 14.32 17.86
CA LEU E 271 -15.03 13.99 16.63
C LEU E 271 -13.52 14.02 16.83
N TYR E 272 -13.04 14.94 17.68
CA TYR E 272 -11.62 14.99 18.02
C TYR E 272 -11.16 13.70 18.67
N LEU E 273 -11.94 13.16 19.62
CA LEU E 273 -11.61 11.87 20.19
C LEU E 273 -11.91 10.71 19.24
N LYS E 274 -12.84 10.90 18.30
CA LYS E 274 -13.27 9.84 17.41
C LYS E 274 -12.24 9.54 16.34
N TRP E 275 -11.48 10.53 15.91
CA TRP E 275 -10.46 10.27 14.92
C TRP E 275 -9.09 9.97 15.54
N ARG E 276 -9.05 9.78 16.86
CA ARG E 276 -7.83 9.43 17.59
C ARG E 276 -8.12 8.33 18.61
N VAL E 277 -8.79 7.26 18.17
CA VAL E 277 -9.28 6.23 19.10
C VAL E 277 -8.12 5.53 19.81
N LYS E 278 -7.08 5.17 19.06
CA LYS E 278 -5.94 4.47 19.65
C LYS E 278 -5.19 5.38 20.63
N LYS E 279 -5.00 6.65 20.26
CA LYS E 279 -4.37 7.61 21.16
C LYS E 279 -5.22 7.84 22.40
N VAL E 280 -6.55 7.90 22.23
CA VAL E 280 -7.44 8.14 23.37
C VAL E 280 -7.44 6.95 24.32
N VAL E 281 -7.47 5.72 23.80
CA VAL E 281 -7.48 4.56 24.69
C VAL E 281 -6.12 4.39 25.36
N LEU E 282 -5.02 4.72 24.68
CA LEU E 282 -3.70 4.64 25.32
C LEU E 282 -3.54 5.70 26.39
N VAL E 283 -3.98 6.93 26.11
CA VAL E 283 -3.93 8.00 27.10
C VAL E 283 -4.88 7.69 28.27
N LEU E 284 -6.01 7.04 27.99
CA LEU E 284 -6.92 6.62 29.06
C LEU E 284 -6.27 5.57 29.96
N LEU E 285 -5.51 4.65 29.38
CA LEU E 285 -4.81 3.65 30.19
C LEU E 285 -3.69 4.29 31.01
N LEU E 286 -3.01 5.29 30.45
CA LEU E 286 -1.92 5.94 31.19
C LEU E 286 -2.44 6.87 32.28
N VAL E 287 -3.44 7.68 31.98
CA VAL E 287 -3.90 8.74 32.91
C VAL E 287 -4.61 8.14 34.10
N THR E 288 -5.42 7.10 33.90
CA THR E 288 -6.17 6.48 34.98
C THR E 288 -5.32 5.64 35.92
N SER E 289 -3.99 5.68 35.79
CA SER E 289 -3.10 5.10 36.78
C SER E 289 -2.97 5.95 38.03
N VAL E 290 -3.44 7.20 38.00
CA VAL E 290 -3.52 7.97 39.24
C VAL E 290 -4.59 7.38 40.15
N PHE E 291 -5.64 6.80 39.56
CA PHE E 291 -6.60 6.01 40.34
C PHE E 291 -5.94 4.80 40.96
N LEU E 292 -5.03 4.15 40.22
CA LEU E 292 -4.30 3.01 40.78
C LEU E 292 -3.39 3.44 41.92
N PHE E 293 -2.71 4.57 41.78
CA PHE E 293 -1.82 5.05 42.83
C PHE E 293 -2.60 5.42 44.09
N LEU E 294 -3.74 6.10 43.93
CA LEU E 294 -4.52 6.48 45.10
C LEU E 294 -5.23 5.26 45.71
N ASN E 295 -5.56 4.26 44.88
CA ASN E 295 -6.11 3.01 45.38
C ASN E 295 -5.10 2.26 46.23
N ILE E 296 -3.86 2.14 45.73
CA ILE E 296 -2.81 1.46 46.49
C ILE E 296 -2.49 2.23 47.76
N ALA E 297 -2.55 3.56 47.69
CA ALA E 297 -2.33 4.39 48.87
C ALA E 297 -3.37 4.11 49.96
N LEU E 298 -4.66 4.17 49.60
CA LEU E 298 -5.70 3.95 50.62
C LEU E 298 -5.76 2.49 51.09
N ILE E 299 -5.48 1.53 50.21
CA ILE E 299 -5.43 0.13 50.64
C ILE E 299 -4.30 -0.10 51.63
N ASN E 300 -3.10 0.44 51.35
CA ASN E 300 -1.99 0.24 52.27
C ASN E 300 -2.19 1.00 53.58
N ILE E 301 -2.82 2.17 53.53
CA ILE E 301 -3.19 2.89 54.74
C ILE E 301 -4.17 2.07 55.58
N HIS E 302 -5.13 1.42 54.92
CA HIS E 302 -6.09 0.57 55.62
C HIS E 302 -5.41 -0.64 56.25
N ILE E 303 -4.46 -1.26 55.54
CA ILE E 303 -3.73 -2.40 56.08
C ILE E 303 -2.93 -1.98 57.32
N ASN E 304 -2.23 -0.85 57.24
CA ASN E 304 -1.43 -0.38 58.35
C ASN E 304 -2.29 0.00 59.54
N ALA E 305 -3.43 0.66 59.31
CA ALA E 305 -4.33 1.01 60.40
C ALA E 305 -4.98 -0.24 61.02
N SER E 306 -5.26 -1.26 60.20
CA SER E 306 -5.86 -2.47 60.74
C SER E 306 -4.86 -3.26 61.57
N ILE E 307 -3.60 -3.32 61.14
CA ILE E 307 -2.61 -4.03 61.95
C ILE E 307 -2.12 -3.19 63.12
N ASN E 308 -2.36 -1.88 63.12
CA ASN E 308 -2.04 -1.06 64.28
C ASN E 308 -3.18 -1.02 65.31
N GLY E 309 -4.41 -1.19 64.87
CA GLY E 309 -5.54 -1.19 65.78
C GLY E 309 -6.25 -2.53 65.89
N ARG E 325 -7.06 -6.67 58.56
CA ARG E 325 -8.20 -7.37 59.16
C ARG E 325 -9.46 -6.51 59.13
N PHE E 326 -9.34 -5.29 58.62
CA PHE E 326 -10.49 -4.40 58.49
C PHE E 326 -11.08 -4.54 57.08
N SER E 327 -11.51 -5.77 56.81
CA SER E 327 -12.02 -6.12 55.50
C SER E 327 -13.33 -5.42 55.20
N SER E 328 -14.09 -5.03 56.23
CA SER E 328 -15.34 -4.30 56.04
C SER E 328 -15.13 -2.92 55.43
N LEU E 329 -13.89 -2.40 55.43
CA LEU E 329 -13.55 -1.20 54.69
C LEU E 329 -12.63 -1.46 53.50
N ILE E 330 -11.82 -2.52 53.55
CA ILE E 330 -11.00 -2.87 52.38
C ILE E 330 -11.88 -3.27 51.20
N VAL E 331 -12.92 -4.07 51.47
CA VAL E 331 -13.88 -4.48 50.44
C VAL E 331 -14.61 -3.27 49.87
N LEU E 332 -14.99 -2.33 50.74
CA LEU E 332 -15.68 -1.13 50.29
C LEU E 332 -14.76 -0.26 49.43
N THR E 333 -13.49 -0.13 49.81
CA THR E 333 -12.55 0.66 49.02
C THR E 333 -12.34 0.06 47.63
N SER E 334 -12.16 -1.26 47.57
CA SER E 334 -11.98 -1.92 46.27
C SER E 334 -13.24 -1.82 45.43
N THR E 335 -14.42 -1.98 46.05
CA THR E 335 -15.68 -1.94 45.33
C THR E 335 -15.98 -0.55 44.79
N VAL E 336 -15.64 0.50 45.55
CA VAL E 336 -15.75 1.86 45.02
C VAL E 336 -14.79 2.07 43.85
N PHE E 337 -13.56 1.55 43.97
CA PHE E 337 -12.59 1.75 42.89
C PHE E 337 -12.91 0.94 41.64
N ILE E 338 -13.77 -0.07 41.74
CA ILE E 338 -14.26 -0.74 40.54
C ILE E 338 -15.50 -0.04 39.96
N PHE E 339 -16.22 0.74 40.77
CA PHE E 339 -17.43 1.41 40.28
C PHE E 339 -17.15 2.52 39.28
N ILE E 340 -16.03 3.24 39.41
CA ILE E 340 -15.74 4.35 38.49
C ILE E 340 -15.54 3.89 37.05
N PRO E 341 -14.71 2.88 36.74
CA PRO E 341 -14.68 2.41 35.35
C PRO E 341 -15.98 1.74 34.91
N PHE E 342 -16.70 1.09 35.82
CA PHE E 342 -17.97 0.48 35.47
C PHE E 342 -19.00 1.54 35.09
N THR E 343 -19.06 2.64 35.85
CA THR E 343 -20.00 3.72 35.52
C THR E 343 -19.58 4.43 34.24
N LEU E 344 -18.27 4.57 34.01
CA LEU E 344 -17.81 5.16 32.76
C LEU E 344 -18.20 4.31 31.56
N SER E 345 -18.03 2.99 31.67
CA SER E 345 -18.39 2.09 30.58
C SER E 345 -19.90 2.04 30.38
N LEU E 346 -20.67 2.12 31.47
CA LEU E 346 -22.13 2.16 31.36
C LEU E 346 -22.61 3.45 30.69
N ALA E 347 -21.98 4.58 31.03
CA ALA E 347 -22.33 5.84 30.37
C ALA E 347 -22.00 5.82 28.89
N MET E 348 -20.84 5.23 28.52
CA MET E 348 -20.50 5.09 27.11
C MET E 348 -21.47 4.16 26.38
N PHE E 349 -21.90 3.08 27.04
CA PHE E 349 -22.85 2.15 26.45
C PHE E 349 -24.21 2.82 26.22
N LEU E 350 -24.68 3.59 27.19
CA LEU E 350 -25.96 4.27 27.05
C LEU E 350 -25.87 5.39 26.01
N LEU E 351 -24.73 6.05 25.89
CA LEU E 351 -24.57 7.06 24.84
C LEU E 351 -24.54 6.42 23.45
N LEU E 352 -23.93 5.23 23.32
CA LEU E 352 -23.96 4.53 22.04
C LEU E 352 -25.37 4.07 21.70
N ILE E 353 -26.14 3.62 22.72
CA ILE E 353 -27.54 3.24 22.48
C ILE E 353 -28.35 4.45 22.06
N PHE E 354 -28.12 5.61 22.68
CA PHE E 354 -28.83 6.83 22.30
C PHE E 354 -28.48 7.25 20.87
N SER E 355 -27.20 7.12 20.50
CA SER E 355 -26.79 7.43 19.14
C SER E 355 -27.44 6.49 18.12
N MET E 356 -27.51 5.20 18.45
CA MET E 356 -28.12 4.24 17.54
C MET E 356 -29.62 4.45 17.43
N TRP E 357 -30.28 4.82 18.53
CA TRP E 357 -31.71 5.06 18.47
C TRP E 357 -32.03 6.34 17.68
N LYS E 358 -31.22 7.38 17.86
CA LYS E 358 -31.40 8.60 17.08
C LYS E 358 -31.15 8.34 15.59
N HIS E 359 -30.13 7.56 15.25
CA HIS E 359 -29.87 7.22 13.86
C HIS E 359 -30.98 6.36 13.27
N ARG E 360 -31.51 5.42 14.07
CA ARG E 360 -32.60 4.56 13.60
C ARG E 360 -33.86 5.37 13.35
N LYS E 361 -34.15 6.35 14.21
CA LYS E 361 -35.29 7.22 13.97
C LYS E 361 -35.04 8.15 12.77
N LYS E 362 -33.78 8.50 12.51
CA LYS E 362 -33.47 9.30 11.33
C LYS E 362 -33.66 8.49 10.05
N MET E 363 -33.36 7.19 10.10
CA MET E 363 -33.47 6.33 8.92
C MET E 363 -34.86 5.74 8.78
N GLN E 364 -35.87 6.41 9.33
CA GLN E 364 -37.26 5.98 9.19
C GLN E 364 -38.13 7.16 8.81
N HIS E 365 -37.54 8.35 8.76
CA HIS E 365 -38.26 9.57 8.42
C HIS E 365 -37.69 10.27 7.20
N THR E 366 -36.42 10.00 6.85
CA THR E 366 -35.84 10.59 5.66
C THR E 366 -35.55 9.51 4.63
N VAL E 367 -34.74 8.52 5.01
CA VAL E 367 -34.44 7.39 4.13
C VAL E 367 -35.31 6.23 4.59
N LYS E 368 -36.52 6.14 4.04
CA LYS E 368 -37.49 5.15 4.47
C LYS E 368 -37.04 3.73 4.12
N ILE E 369 -36.42 3.57 2.96
CA ILE E 369 -35.87 2.29 2.57
C ILE E 369 -34.57 2.05 3.33
N SER E 370 -34.17 0.79 3.44
CA SER E 370 -32.91 0.45 4.10
C SER E 370 -32.40 -0.88 3.58
N ARG E 376 -27.32 -4.54 12.07
CA ARG E 376 -27.39 -4.32 13.51
C ARG E 376 -27.29 -5.63 14.27
N ALA E 377 -26.64 -5.60 15.44
CA ALA E 377 -26.48 -6.78 16.29
C ALA E 377 -27.26 -6.56 17.58
N HIS E 378 -28.55 -6.94 17.55
CA HIS E 378 -29.39 -6.79 18.73
C HIS E 378 -29.07 -7.85 19.78
N ARG E 379 -28.62 -9.02 19.34
CA ARG E 379 -28.29 -10.10 20.28
C ARG E 379 -27.07 -9.77 21.11
N GLY E 380 -26.15 -8.95 20.61
CA GLY E 380 -25.06 -8.48 21.42
C GLY E 380 -25.47 -7.51 22.50
N VAL E 381 -26.28 -6.51 22.13
CA VAL E 381 -26.71 -5.52 23.12
C VAL E 381 -27.68 -6.11 24.14
N LYS E 382 -28.49 -7.11 23.76
CA LYS E 382 -29.32 -7.79 24.74
C LYS E 382 -28.50 -8.56 25.77
N SER E 383 -27.44 -9.24 25.33
CA SER E 383 -26.52 -9.90 26.25
C SER E 383 -25.78 -8.92 27.15
N VAL E 384 -25.34 -7.79 26.61
CA VAL E 384 -24.66 -6.80 27.43
C VAL E 384 -25.62 -6.18 28.45
N ILE E 385 -26.87 -5.94 28.05
CA ILE E 385 -27.86 -5.39 28.98
C ILE E 385 -28.18 -6.40 30.10
N THR E 386 -28.41 -7.66 29.73
CA THR E 386 -28.73 -8.67 30.73
C THR E 386 -27.53 -9.11 31.54
N PHE E 387 -26.31 -8.74 31.15
CA PHE E 387 -25.17 -8.90 32.03
C PHE E 387 -24.97 -7.70 32.94
N PHE E 388 -25.17 -6.48 32.42
CA PHE E 388 -25.06 -5.28 33.22
C PHE E 388 -26.08 -5.25 34.35
N LEU E 389 -27.31 -5.68 34.08
CA LEU E 389 -28.35 -5.68 35.12
C LEU E 389 -28.01 -6.66 36.23
N LEU E 390 -27.59 -7.86 35.87
CA LEU E 390 -27.20 -8.86 36.89
C LEU E 390 -25.99 -8.33 37.64
N TYR E 391 -24.86 -8.28 36.95
CA TYR E 391 -23.59 -7.89 37.60
C TYR E 391 -23.82 -6.77 38.60
N ALA E 392 -24.36 -5.66 38.12
CA ALA E 392 -24.45 -4.50 39.02
C ALA E 392 -25.33 -4.83 40.23
N ILE E 393 -26.45 -5.52 40.05
CA ILE E 393 -27.30 -5.70 41.26
C ILE E 393 -26.52 -6.54 42.27
N PHE E 394 -25.88 -7.63 41.83
CA PHE E 394 -25.04 -8.37 42.79
C PHE E 394 -23.97 -7.50 43.42
N SER E 395 -23.35 -6.66 42.59
CA SER E 395 -22.36 -5.70 43.15
C SER E 395 -23.07 -4.88 44.22
N LEU E 396 -24.18 -4.26 43.83
CA LEU E 396 -24.92 -3.44 44.81
C LEU E 396 -25.38 -4.24 46.03
N SER E 397 -25.79 -5.49 45.83
CA SER E 397 -26.13 -6.30 47.02
C SER E 397 -24.85 -6.47 47.84
N PHE E 398 -23.80 -6.99 47.21
CA PHE E 398 -22.50 -7.19 47.89
C PHE E 398 -22.18 -5.98 48.75
N PHE E 399 -22.11 -4.81 48.12
CA PHE E 399 -21.68 -3.62 48.86
C PHE E 399 -22.70 -3.38 49.95
N ILE E 400 -23.97 -3.49 49.61
CA ILE E 400 -24.99 -3.12 50.63
C ILE E 400 -24.70 -3.96 51.86
N SER E 401 -24.64 -5.28 51.67
CA SER E 401 -24.40 -6.19 52.81
C SER E 401 -23.17 -5.70 53.57
N VAL E 402 -22.02 -5.77 52.92
CA VAL E 402 -20.76 -5.39 53.62
C VAL E 402 -20.90 -4.06 54.33
N TRP E 403 -21.53 -3.10 53.69
CA TRP E 403 -21.57 -1.79 54.37
C TRP E 403 -22.36 -1.93 55.66
N THR E 404 -23.44 -2.68 55.64
CA THR E 404 -24.26 -2.71 56.89
C THR E 404 -24.11 -4.07 57.61
N GLU E 410 -19.15 -13.99 58.73
CA GLU E 410 -18.19 -15.05 58.92
C GLU E 410 -17.70 -15.67 57.62
N ASN E 411 -18.58 -15.81 56.62
CA ASN E 411 -18.21 -16.30 55.30
C ASN E 411 -17.82 -15.17 54.35
N LEU E 412 -17.31 -14.06 54.89
CA LEU E 412 -17.00 -12.90 54.07
C LEU E 412 -15.85 -13.17 53.12
N ILE E 413 -14.85 -13.96 53.54
CA ILE E 413 -13.69 -14.22 52.70
C ILE E 413 -14.07 -15.05 51.48
N ILE E 414 -14.80 -16.15 51.69
CA ILE E 414 -15.22 -16.99 50.58
C ILE E 414 -16.25 -16.29 49.71
N LEU E 415 -17.14 -15.50 50.33
CA LEU E 415 -18.15 -14.77 49.57
C LEU E 415 -17.51 -13.69 48.71
N SER E 416 -16.49 -13.02 49.23
CA SER E 416 -15.81 -11.96 48.48
C SER E 416 -14.88 -12.54 47.42
N GLN E 417 -14.33 -13.73 47.64
CA GLN E 417 -13.60 -14.41 46.58
C GLN E 417 -14.54 -14.85 45.45
N VAL E 418 -15.77 -15.24 45.80
CA VAL E 418 -16.76 -15.56 44.79
C VAL E 418 -17.16 -14.31 44.02
N MET E 419 -17.39 -13.20 44.71
CA MET E 419 -17.81 -11.96 44.06
C MET E 419 -16.69 -11.34 43.25
N GLY E 420 -15.43 -11.55 43.64
CA GLY E 420 -14.31 -11.00 42.91
C GLY E 420 -13.94 -11.75 41.66
N MET E 421 -14.51 -12.93 41.44
CA MET E 421 -14.27 -13.73 40.24
C MET E 421 -15.42 -13.66 39.25
N ALA E 422 -16.51 -12.97 39.57
CA ALA E 422 -17.70 -13.03 38.74
C ALA E 422 -17.52 -12.27 37.42
N TYR E 423 -16.96 -11.06 37.48
CA TYR E 423 -16.74 -10.29 36.26
C TYR E 423 -15.67 -10.92 35.33
N PRO E 424 -14.46 -11.27 35.79
CA PRO E 424 -13.49 -11.86 34.85
C PRO E 424 -13.89 -13.22 34.29
N SER E 425 -14.81 -13.93 34.92
CA SER E 425 -15.22 -15.24 34.44
C SER E 425 -16.42 -15.15 33.50
N CYS E 426 -17.45 -14.40 33.88
CA CYS E 426 -18.68 -14.35 33.11
C CYS E 426 -18.68 -13.28 32.03
N HIS E 427 -17.94 -12.17 32.22
CA HIS E 427 -17.90 -11.19 31.15
C HIS E 427 -17.10 -11.68 29.96
N SER E 428 -16.19 -12.63 30.15
CA SER E 428 -15.54 -13.26 29.00
C SER E 428 -16.52 -14.11 28.22
N CYS E 429 -17.44 -14.79 28.92
CA CYS E 429 -18.51 -15.53 28.24
C CYS E 429 -19.44 -14.59 27.49
N VAL E 430 -19.68 -13.39 28.04
CA VAL E 430 -20.44 -12.37 27.32
C VAL E 430 -19.66 -11.88 26.09
N LEU E 431 -18.35 -11.70 26.23
CA LEU E 431 -17.53 -11.21 25.14
C LEU E 431 -17.39 -12.22 24.02
N ILE E 432 -17.44 -13.52 24.33
CA ILE E 432 -17.41 -14.55 23.30
C ILE E 432 -18.67 -14.49 22.44
N LEU E 433 -19.83 -14.41 23.09
CA LEU E 433 -21.11 -14.29 22.39
C LEU E 433 -21.33 -12.82 22.08
N GLY E 434 -20.82 -12.38 20.93
CA GLY E 434 -20.84 -10.97 20.60
C GLY E 434 -19.65 -10.52 19.80
N ASN E 435 -18.66 -11.40 19.65
CA ASN E 435 -17.60 -11.25 18.67
C ASN E 435 -17.82 -12.30 17.59
N LYS E 436 -17.80 -11.88 16.32
CA LYS E 436 -18.06 -12.83 15.22
C LYS E 436 -16.95 -13.89 15.20
N LYS E 437 -15.70 -13.46 15.34
CA LYS E 437 -14.57 -14.38 15.29
C LYS E 437 -14.66 -15.42 16.40
N LEU E 438 -14.97 -14.99 17.62
CA LEU E 438 -15.06 -15.92 18.74
C LEU E 438 -16.28 -16.83 18.64
N ARG E 439 -17.40 -16.29 18.11
CA ARG E 439 -18.57 -17.13 17.88
C ARG E 439 -18.30 -18.18 16.80
N GLN E 440 -17.62 -17.80 15.71
CA GLN E 440 -17.27 -18.75 14.67
C GLN E 440 -16.31 -19.81 15.19
N ALA E 441 -15.34 -19.40 16.01
CA ALA E 441 -14.40 -20.35 16.59
C ALA E 441 -15.09 -21.31 17.55
N SER E 442 -16.04 -20.81 18.34
CA SER E 442 -16.80 -21.68 19.23
C SER E 442 -17.66 -22.66 18.46
N LEU E 443 -18.26 -22.21 17.36
CA LEU E 443 -19.05 -23.12 16.52
C LEU E 443 -18.18 -24.19 15.89
N SER E 444 -16.97 -23.83 15.44
CA SER E 444 -16.08 -24.82 14.85
C SER E 444 -15.55 -25.80 15.91
N VAL E 445 -15.33 -25.33 17.13
CA VAL E 445 -14.93 -26.21 18.22
C VAL E 445 -16.02 -27.22 18.52
N LEU E 446 -17.27 -26.76 18.57
CA LEU E 446 -18.41 -27.68 18.79
C LEU E 446 -18.48 -28.66 17.60
N LEU E 447 -18.30 -28.17 16.38
CA LEU E 447 -18.43 -29.02 15.20
C LEU E 447 -17.40 -30.14 15.20
N TRP E 448 -16.13 -29.81 15.43
CA TRP E 448 -15.13 -30.88 15.42
C TRP E 448 -15.18 -31.72 16.68
N LEU E 449 -15.74 -31.20 17.78
CA LEU E 449 -15.94 -32.03 18.96
C LEU E 449 -17.05 -33.05 18.73
N ARG E 450 -18.11 -32.66 18.04
CA ARG E 450 -19.15 -33.63 17.69
C ARG E 450 -18.68 -34.59 16.61
N TYR E 451 -17.83 -34.14 15.69
CA TYR E 451 -17.34 -35.02 14.63
C TYR E 451 -16.35 -36.03 15.16
N MET E 452 -15.47 -35.63 16.08
CA MET E 452 -14.49 -36.55 16.63
C MET E 452 -15.14 -37.58 17.55
N PHE E 453 -16.19 -37.19 18.27
CA PHE E 453 -16.89 -38.12 19.14
C PHE E 453 -17.86 -38.99 18.36
C10 A1AEI F . -20.91 -3.70 23.39
C13 A1AEI F . -19.63 -1.53 26.22
C20 A1AEI F . -19.70 0.83 25.88
C21 A1AEI F . -20.06 0.63 24.57
C22 A1AEI F . -20.21 -0.66 24.08
C01 A1AEI F . -21.58 -7.14 22.23
C02 A1AEI F . -21.60 -5.61 22.31
C03 A1AEI F . -22.32 -4.86 21.40
C04 A1AEI F . -22.28 -3.50 21.55
C05 A1AEI F . -23.05 -2.57 20.60
C12 A1AEI F . -20.01 -1.75 24.90
C14 A1AEI F . -19.39 -2.73 27.13
C19 A1AEI F . -19.48 -0.25 26.71
F06 A1AEI F . -23.72 -3.32 19.67
F07 A1AEI F . -23.93 -1.83 21.31
F08 A1AEI F . -22.17 -1.74 19.97
N09 A1AEI F . -21.58 -2.97 22.53
N11 A1AEI F . -20.12 -3.14 24.47
N15 A1AEI F . -20.28 -3.65 27.48
N16 A1AEI F . -19.66 -4.54 28.29
N17 A1AEI F . -18.40 -4.16 28.43
N18 A1AEI F . -18.22 -3.04 27.71
N23 A1AEI F . -20.91 -5.01 23.27
C1 CLR G . -9.02 -10.65 52.11
C2 CLR G . -9.05 -12.04 52.75
C3 CLR G . -7.72 -12.81 52.69
C4 CLR G . -7.03 -12.61 51.32
C5 CLR G . -7.87 -11.97 50.23
C6 CLR G . -7.99 -12.58 49.03
C7 CLR G . -8.84 -11.99 47.89
C8 CLR G . -9.42 -10.58 48.23
C9 CLR G . -9.79 -10.48 49.74
C10 CLR G . -8.54 -10.65 50.63
C11 CLR G . -10.57 -9.20 50.06
C12 CLR G . -11.79 -9.01 49.15
C13 CLR G . -11.37 -8.99 47.65
C14 CLR G . -10.69 -10.39 47.42
C15 CLR G . -10.58 -10.57 45.87
C16 CLR G . -11.96 -9.95 45.39
C17 CLR G . -12.55 -9.08 46.60
C18 CLR G . -10.41 -7.84 47.29
C19 CLR G . -7.59 -9.44 50.36
C20 CLR G . -13.15 -7.75 46.11
C21 CLR G . -13.99 -6.93 47.14
C22 CLR G . -14.04 -8.09 44.86
C23 CLR G . -15.48 -7.58 44.86
C24 CLR G . -15.70 -6.94 43.45
C25 CLR G . -16.97 -6.05 43.47
C26 CLR G . -18.18 -6.96 43.78
C27 CLR G . -17.17 -5.17 42.21
O1 CLR G . -6.85 -12.56 53.79
#